data_9IYW
#
_entry.id   9IYW
#
_cell.length_a   76.065
_cell.length_b   76.065
_cell.length_c   352.970
_cell.angle_alpha   90.00
_cell.angle_beta   90.00
_cell.angle_gamma   120.00
#
_symmetry.space_group_name_H-M   'P 31 2 1'
#
loop_
_entity.id
_entity.type
_entity.pdbx_description
1 polymer 'Polyketide synthase,GfsA KSQ-AncAT chimeric protein'
2 non-polymer 'SODIUM ION'
3 water water
#
_entity_poly.entity_id   1
_entity_poly.type   'polypeptide(L)'
_entity_poly.pdbx_seq_one_letter_code
;MGRSQNSEFETASDEPIAVIGLSCRLPKASGPQELWQLLDDGASAVTRVPADRETPPSTEEESADGEAAGARWGGFLDRV
DTFDAGFFGISPREAAAMDPQQRLVLELSWEALEGAGLVPATLRDTGLGVFVGAARDDYATLYRRREGRAVDHHAMTGLH
RSLIANRISYALGAHGPSMVVDTGQSSSLVAVHLACESLRRGESDIALAGGVNLNIAAESARETAAFGGLSPDGQCFTFD
ARANGFVRGEGGGLVVLKTLRRALADGDLVHGVILASAVNNDGPSDTLTTPSRRAQESLLTRVYRRAGVTPTEVGYVELH
GTGTKVGDPIEAAALGAVLGTGRDTPLPVGSIKTNIGHLEGAAGIAGLIKALLQLRRRRLVPSLNFSTPNPDIPLDALNL
RVQQESAPWATPSGGGRTLVAGVSSFGMGGTNCHVVVSAAPVPEDGETTSEAGATGPDSGPALLPWVVSARSPQALRDQA
GRLAAWADSPAGREASPVDIGWSLATSRTHFEYRAVVSGSDRDELVASLRALASGSPVTAAGAVDGGGRLGFLFSGQGSQ
RAGMGRELYGAFPVFAEAFDEVCGVLDALLGALPPSEGWAGSLREVMFAAEGTPDSELLDRTGFTQPALFAFEVALFRLL
ESWGVRPDFVAGHSVGEIAAAHVAGVLSLADACRLVAARGRLMQALPAGGAMVAVEASEEEVAAHLAGERAGEVGIAAVN
GPRSVVVSGAEDAVEEVAEHFAGLGRRTRRLRVSHAFHSPLMDPMLEDFGRVVRGLTFDAPRLPVVSNLTGALASADELC
TPEYWVRHVREAVRFADGVGWLAGLGVSTFVEIGPGGVLSALTQECLADGGAATGVVAAVRGLRRAEPVALLSAVGELFA
DGYPVDWTAYFAGWPAARVELPTYAFQRSRHWLENVPELAVS
;
_entity_poly.pdbx_strand_id   A
#
loop_
_chem_comp.id
_chem_comp.type
_chem_comp.name
_chem_comp.formula
NA non-polymer 'SODIUM ION' 'Na 1'
#
# COMPACT_ATOMS: atom_id res chain seq x y z
N SER A 13 11.50 16.73 -31.58
CA SER A 13 11.32 15.74 -32.70
C SER A 13 10.35 14.62 -32.30
N ASP A 14 10.68 13.86 -31.24
CA ASP A 14 9.85 12.76 -30.68
C ASP A 14 9.23 13.18 -29.35
N GLU A 15 8.00 12.75 -29.06
CA GLU A 15 7.40 12.92 -27.71
C GLU A 15 8.34 12.36 -26.64
N PRO A 16 8.73 13.15 -25.58
CA PRO A 16 9.60 12.64 -24.51
C PRO A 16 8.89 11.62 -23.60
N ILE A 17 9.71 10.75 -23.01
CA ILE A 17 9.26 9.53 -22.27
C ILE A 17 9.82 9.62 -20.88
N ALA A 18 8.96 9.53 -19.86
CA ALA A 18 9.43 9.69 -18.49
C ALA A 18 9.75 8.29 -18.02
N VAL A 19 10.87 8.16 -17.29
CA VAL A 19 11.15 7.00 -16.40
C VAL A 19 10.53 7.31 -15.02
N ILE A 20 9.61 6.49 -14.53
CA ILE A 20 8.85 6.83 -13.29
C ILE A 20 9.24 5.81 -12.23
N GLY A 21 10.29 5.05 -12.51
CA GLY A 21 10.65 3.88 -11.70
C GLY A 21 11.71 3.01 -12.34
N LEU A 22 12.41 2.25 -11.52
CA LEU A 22 13.47 1.31 -11.93
C LEU A 22 13.75 0.28 -10.85
N SER A 23 14.44 -0.79 -11.21
CA SER A 23 14.89 -1.86 -10.32
C SER A 23 16.13 -2.53 -10.95
N CYS A 24 16.90 -3.25 -10.17
CA CYS A 24 18.17 -3.85 -10.62
C CYS A 24 18.55 -4.97 -9.65
N ARG A 25 19.21 -5.98 -10.18
CA ARG A 25 19.90 -7.03 -9.42
C ARG A 25 21.20 -7.19 -10.17
N LEU A 26 22.25 -6.60 -9.59
CA LEU A 26 23.59 -6.51 -10.23
C LEU A 26 24.59 -7.04 -9.23
N PRO A 27 25.84 -7.40 -9.61
CA PRO A 27 26.87 -7.88 -8.68
C PRO A 27 27.12 -6.87 -7.57
N LYS A 28 27.00 -7.34 -6.32
CA LYS A 28 27.05 -6.54 -5.08
C LYS A 28 26.10 -5.34 -5.12
N ALA A 29 24.98 -5.41 -5.80
CA ALA A 29 24.05 -4.25 -5.79
C ALA A 29 22.64 -4.75 -6.05
N SER A 30 21.96 -5.11 -4.97
CA SER A 30 20.74 -5.93 -5.07
C SER A 30 19.55 -5.01 -5.13
N GLY A 31 19.79 -3.72 -5.35
CA GLY A 31 18.80 -2.66 -5.60
C GLY A 31 19.52 -1.36 -5.95
N PRO A 32 18.80 -0.27 -6.26
CA PRO A 32 19.41 1.01 -6.64
C PRO A 32 20.18 1.86 -5.59
N GLN A 33 19.77 1.81 -4.34
CA GLN A 33 20.54 2.41 -3.23
C GLN A 33 21.87 1.65 -3.14
N GLU A 34 21.84 0.35 -3.02
CA GLU A 34 23.10 -0.40 -3.01
C GLU A 34 23.95 -0.10 -4.24
N LEU A 35 23.31 0.01 -5.42
CA LEU A 35 24.08 0.22 -6.68
C LEU A 35 24.81 1.54 -6.50
N TRP A 36 24.15 2.59 -6.03
CA TRP A 36 24.78 3.92 -5.86
C TRP A 36 25.99 3.84 -4.93
N GLN A 37 25.89 3.04 -3.86
CA GLN A 37 26.93 2.85 -2.80
C GLN A 37 28.12 2.13 -3.44
N LEU A 38 27.89 1.20 -4.34
CA LEU A 38 29.03 0.56 -5.02
C LEU A 38 29.75 1.55 -5.95
N LEU A 39 28.98 2.29 -6.74
CA LEU A 39 29.51 3.20 -7.79
C LEU A 39 30.12 4.43 -7.09
N ASP A 40 29.47 4.92 -6.04
CA ASP A 40 29.94 6.19 -5.40
C ASP A 40 31.24 5.90 -4.66
N ASP A 41 31.37 4.71 -4.08
CA ASP A 41 32.59 4.26 -3.37
C ASP A 41 33.70 3.96 -4.36
N GLY A 42 33.45 4.05 -5.69
CA GLY A 42 34.44 3.66 -6.70
C GLY A 42 34.89 2.22 -6.52
N ALA A 43 34.03 1.31 -6.05
CA ALA A 43 34.31 -0.12 -5.81
C ALA A 43 34.02 -1.04 -7.03
N SER A 44 34.77 -2.15 -7.11
CA SER A 44 34.65 -3.28 -8.06
C SER A 44 33.72 -4.30 -7.41
N ALA A 45 32.81 -4.87 -8.21
CA ALA A 45 32.00 -6.05 -7.83
C ALA A 45 32.58 -7.30 -8.49
N VAL A 46 33.61 -7.16 -9.32
CA VAL A 46 34.22 -8.32 -10.00
C VAL A 46 34.93 -9.15 -8.95
N THR A 47 34.82 -10.48 -9.04
CA THR A 47 35.37 -11.47 -8.07
C THR A 47 35.70 -12.73 -8.82
N ARG A 48 36.05 -13.80 -8.10
CA ARG A 48 36.34 -15.17 -8.58
C ARG A 48 35.06 -15.98 -8.57
N VAL A 49 34.91 -16.93 -9.48
CA VAL A 49 33.70 -17.82 -9.56
C VAL A 49 33.41 -18.38 -8.18
N PRO A 50 32.29 -18.00 -7.53
CA PRO A 50 31.90 -18.62 -6.26
C PRO A 50 31.88 -20.15 -6.26
N ALA A 51 32.28 -20.71 -5.11
CA ALA A 51 31.93 -22.04 -4.53
C ALA A 51 30.81 -22.76 -5.31
N ASP A 52 29.55 -22.36 -5.09
CA ASP A 52 28.34 -23.04 -5.64
C ASP A 52 28.47 -23.24 -7.17
N ARG A 53 29.17 -22.34 -7.88
CA ARG A 53 29.09 -22.24 -9.36
C ARG A 53 30.12 -23.22 -9.95
N GLY A 70 40.84 -16.03 -18.21
CA GLY A 70 40.10 -14.80 -17.86
C GLY A 70 38.68 -15.05 -17.31
N ALA A 71 38.26 -16.33 -17.38
CA ALA A 71 36.92 -16.90 -17.09
C ALA A 71 36.88 -17.54 -15.69
N ARG A 72 37.90 -17.33 -14.87
CA ARG A 72 37.77 -17.67 -13.44
C ARG A 72 37.44 -16.36 -12.71
N TRP A 73 37.15 -15.27 -13.44
CA TRP A 73 36.64 -13.98 -12.90
C TRP A 73 35.23 -13.64 -13.47
N GLY A 74 34.47 -12.83 -12.74
CA GLY A 74 33.22 -12.22 -13.22
C GLY A 74 32.57 -11.41 -12.14
N GLY A 75 31.59 -10.57 -12.50
CA GLY A 75 30.59 -10.02 -11.57
C GLY A 75 29.45 -11.04 -11.39
N PHE A 76 29.27 -11.56 -10.17
CA PHE A 76 28.23 -12.57 -9.84
C PHE A 76 27.23 -11.97 -8.88
N LEU A 77 25.97 -12.40 -9.01
CA LEU A 77 24.97 -12.23 -7.95
C LEU A 77 25.33 -13.16 -6.77
N ASP A 78 24.78 -12.91 -5.60
CA ASP A 78 25.11 -13.67 -4.36
C ASP A 78 24.67 -15.14 -4.52
N ARG A 79 23.39 -15.31 -4.88
CA ARG A 79 22.73 -16.58 -5.24
C ARG A 79 22.06 -16.42 -6.64
N VAL A 80 22.02 -17.44 -7.46
CA VAL A 80 21.10 -17.39 -8.63
C VAL A 80 20.06 -18.46 -8.45
N ASP A 81 20.11 -19.20 -7.36
CA ASP A 81 19.27 -20.41 -7.23
C ASP A 81 18.04 -20.06 -6.40
N THR A 82 17.96 -18.89 -5.78
CA THR A 82 16.89 -18.67 -4.79
C THR A 82 15.81 -17.78 -5.40
N PHE A 83 14.57 -17.98 -5.01
CA PHE A 83 13.36 -17.28 -5.55
C PHE A 83 12.27 -17.46 -4.52
N ASP A 84 11.37 -16.48 -4.45
CA ASP A 84 10.12 -16.52 -3.67
C ASP A 84 8.98 -16.95 -4.65
N ALA A 85 8.85 -18.26 -4.83
CA ALA A 85 7.93 -18.94 -5.76
C ALA A 85 6.51 -18.74 -5.23
N GLY A 86 6.42 -18.87 -3.91
CA GLY A 86 5.26 -18.69 -3.04
C GLY A 86 4.61 -17.36 -3.30
N PHE A 87 5.40 -16.29 -3.36
CA PHE A 87 4.86 -14.92 -3.59
C PHE A 87 4.13 -14.84 -4.93
N PHE A 88 4.68 -15.41 -6.01
CA PHE A 88 4.11 -15.37 -7.39
C PHE A 88 3.14 -16.53 -7.62
N GLY A 89 2.80 -17.32 -6.61
CA GLY A 89 1.87 -18.44 -6.79
C GLY A 89 2.44 -19.54 -7.67
N ILE A 90 3.77 -19.67 -7.72
CA ILE A 90 4.41 -20.70 -8.54
C ILE A 90 4.82 -21.80 -7.58
N SER A 91 4.51 -23.03 -7.97
CA SER A 91 4.79 -24.26 -7.23
C SER A 91 6.29 -24.50 -7.22
N PRO A 92 6.83 -25.12 -6.19
CA PRO A 92 8.26 -25.42 -6.18
C PRO A 92 8.73 -26.22 -7.38
N ARG A 93 7.86 -27.09 -7.92
CA ARG A 93 8.24 -27.94 -9.07
C ARG A 93 8.22 -27.09 -10.35
N GLU A 94 7.21 -26.23 -10.57
CA GLU A 94 7.31 -25.27 -11.69
C GLU A 94 8.60 -24.45 -11.53
N ALA A 95 8.89 -23.98 -10.32
CA ALA A 95 10.00 -23.05 -10.02
C ALA A 95 11.34 -23.74 -10.33
N ALA A 96 11.45 -25.04 -10.08
CA ALA A 96 12.73 -25.76 -10.26
C ALA A 96 13.07 -25.90 -11.76
N ALA A 97 12.07 -26.09 -12.59
CA ALA A 97 12.19 -26.24 -14.06
C ALA A 97 12.24 -24.87 -14.75
N MET A 98 12.12 -23.78 -13.99
CA MET A 98 12.03 -22.42 -14.55
C MET A 98 13.41 -21.78 -14.63
N ASP A 99 13.78 -21.25 -15.80
CA ASP A 99 14.99 -20.43 -15.96
C ASP A 99 15.08 -19.39 -14.85
N PRO A 100 16.19 -19.35 -14.07
CA PRO A 100 16.37 -18.27 -13.11
C PRO A 100 16.20 -16.85 -13.68
N GLN A 101 16.40 -16.67 -14.98
CA GLN A 101 16.26 -15.34 -15.60
C GLN A 101 14.77 -14.95 -15.57
N GLN A 102 13.87 -15.92 -15.70
CA GLN A 102 12.41 -15.62 -15.70
C GLN A 102 12.05 -15.24 -14.25
N ARG A 103 12.61 -15.97 -13.31
CA ARG A 103 12.37 -15.78 -11.87
C ARG A 103 12.84 -14.37 -11.50
N LEU A 104 14.03 -14.01 -11.92
CA LEU A 104 14.62 -12.70 -11.60
C LEU A 104 13.78 -11.59 -12.22
N VAL A 105 13.23 -11.77 -13.41
CA VAL A 105 12.54 -10.61 -14.06
C VAL A 105 11.14 -10.46 -13.43
N LEU A 106 10.48 -11.54 -12.98
CA LEU A 106 9.27 -11.41 -12.13
C LEU A 106 9.57 -10.54 -10.89
N GLU A 107 10.63 -10.82 -10.14
CA GLU A 107 11.00 -10.00 -8.94
C GLU A 107 11.24 -8.57 -9.38
N LEU A 108 12.04 -8.30 -10.45
CA LEU A 108 12.40 -6.92 -10.86
C LEU A 108 11.17 -6.17 -11.35
N SER A 109 10.22 -6.86 -11.99
CA SER A 109 8.95 -6.24 -12.46
C SER A 109 8.18 -5.76 -11.24
N TRP A 110 8.06 -6.63 -10.23
CA TRP A 110 7.34 -6.24 -9.01
C TRP A 110 8.05 -5.05 -8.33
N GLU A 111 9.35 -5.11 -8.19
CA GLU A 111 10.16 -4.04 -7.55
C GLU A 111 10.09 -2.74 -8.34
N ALA A 112 10.10 -2.78 -9.67
CA ALA A 112 10.09 -1.58 -10.52
C ALA A 112 8.74 -0.87 -10.34
N LEU A 113 7.67 -1.65 -10.35
CA LEU A 113 6.30 -1.08 -10.20
C LEU A 113 6.12 -0.47 -8.78
N GLU A 114 6.64 -1.13 -7.76
CA GLU A 114 6.62 -0.62 -6.36
C GLU A 114 7.46 0.66 -6.30
N GLY A 115 8.58 0.69 -7.00
CA GLY A 115 9.50 1.85 -7.01
C GLY A 115 8.81 3.04 -7.65
N ALA A 116 8.00 2.80 -8.66
CA ALA A 116 7.20 3.83 -9.31
C ALA A 116 6.02 4.23 -8.44
N GLY A 117 5.73 3.51 -7.35
CA GLY A 117 4.52 3.76 -6.54
C GLY A 117 3.26 3.25 -7.18
N LEU A 118 3.31 2.25 -8.05
CA LEU A 118 2.09 1.69 -8.65
C LEU A 118 1.72 0.41 -7.92
N VAL A 119 0.44 0.33 -7.56
CA VAL A 119 -0.15 -0.90 -6.99
C VAL A 119 -0.40 -1.82 -8.18
N PRO A 120 0.32 -2.97 -8.29
CA PRO A 120 0.26 -3.76 -9.53
C PRO A 120 -1.16 -4.20 -9.91
N ALA A 121 -2.03 -4.48 -8.95
CA ALA A 121 -3.36 -4.99 -9.28
C ALA A 121 -4.13 -3.92 -10.07
N THR A 122 -3.81 -2.63 -9.98
CA THR A 122 -4.55 -1.60 -10.75
C THR A 122 -4.20 -1.64 -12.24
N LEU A 123 -3.17 -2.42 -12.64
CA LEU A 123 -2.65 -2.54 -14.02
C LEU A 123 -3.27 -3.74 -14.72
N ARG A 124 -3.86 -4.65 -13.94
N ARG A 124 -3.87 -4.66 -13.95
CA ARG A 124 -4.73 -5.75 -14.43
CA ARG A 124 -4.65 -5.82 -14.45
C ARG A 124 -5.60 -5.22 -15.56
C ARG A 124 -5.66 -5.35 -15.48
N ASP A 125 -5.64 -5.94 -16.68
CA ASP A 125 -6.53 -5.62 -17.83
C ASP A 125 -6.20 -4.28 -18.49
N THR A 126 -5.01 -3.71 -18.28
CA THR A 126 -4.59 -2.44 -18.93
C THR A 126 -3.57 -2.72 -20.05
N GLY A 127 -3.17 -1.63 -20.68
CA GLY A 127 -2.27 -1.61 -21.85
C GLY A 127 -0.79 -1.61 -21.45
N LEU A 128 -0.39 -2.27 -20.36
CA LEU A 128 1.06 -2.30 -19.96
C LEU A 128 1.84 -3.22 -20.90
N GLY A 129 2.90 -2.69 -21.51
CA GLY A 129 3.77 -3.43 -22.45
C GLY A 129 5.04 -3.90 -21.76
N VAL A 130 5.57 -5.04 -22.16
CA VAL A 130 6.82 -5.62 -21.58
C VAL A 130 7.82 -5.91 -22.71
N PHE A 131 8.99 -5.29 -22.63
CA PHE A 131 10.04 -5.36 -23.66
C PHE A 131 11.36 -5.75 -23.00
N VAL A 132 11.80 -6.96 -23.21
CA VAL A 132 12.97 -7.50 -22.47
C VAL A 132 14.05 -7.96 -23.44
N GLY A 133 15.25 -7.48 -23.25
CA GLY A 133 16.46 -7.97 -23.95
C GLY A 133 17.05 -9.19 -23.27
N ALA A 134 17.18 -10.29 -23.98
CA ALA A 134 17.79 -11.53 -23.44
C ALA A 134 18.40 -12.31 -24.56
N ALA A 135 19.66 -12.67 -24.39
CA ALA A 135 20.47 -13.24 -25.46
C ALA A 135 21.12 -14.51 -24.99
N ARG A 136 20.73 -15.07 -23.87
CA ARG A 136 21.43 -16.30 -23.39
C ARG A 136 20.45 -17.21 -22.65
N ASP A 137 20.60 -18.53 -22.83
CA ASP A 137 19.74 -19.60 -22.25
C ASP A 137 20.59 -20.62 -21.47
N ASP A 138 21.40 -20.20 -20.50
CA ASP A 138 22.26 -21.17 -19.77
C ASP A 138 21.39 -22.22 -19.07
N TYR A 139 20.24 -21.86 -18.48
CA TYR A 139 19.46 -22.89 -17.75
C TYR A 139 19.06 -24.00 -18.69
N ALA A 140 18.51 -23.63 -19.86
CA ALA A 140 18.13 -24.67 -20.84
C ALA A 140 19.34 -25.56 -21.17
N THR A 141 20.52 -25.01 -21.38
CA THR A 141 21.77 -25.80 -21.66
C THR A 141 21.99 -26.84 -20.52
N LEU A 142 21.96 -26.43 -19.24
CA LEU A 142 22.10 -27.33 -18.06
C LEU A 142 21.10 -28.48 -18.21
N TYR A 143 19.86 -28.18 -18.54
CA TYR A 143 18.75 -29.16 -18.56
C TYR A 143 18.97 -30.21 -19.66
N ARG A 144 19.50 -29.78 -20.80
CA ARG A 144 19.71 -30.65 -21.98
C ARG A 144 21.00 -31.44 -21.79
N ARG A 145 21.89 -31.07 -20.87
CA ARG A 145 23.13 -31.85 -20.60
C ARG A 145 22.79 -32.92 -19.56
N ALA A 150 14.50 -37.65 -17.67
CA ALA A 150 13.26 -37.45 -16.87
C ALA A 150 12.57 -36.16 -17.32
N VAL A 151 11.87 -36.17 -18.46
CA VAL A 151 11.38 -34.92 -19.13
C VAL A 151 9.94 -34.63 -18.69
N ASP A 152 9.68 -33.50 -18.00
CA ASP A 152 8.35 -33.14 -17.44
C ASP A 152 7.83 -31.90 -18.17
N HIS A 153 6.56 -31.59 -18.01
CA HIS A 153 5.79 -30.58 -18.79
C HIS A 153 6.04 -29.16 -18.25
N HIS A 154 6.78 -29.01 -17.17
CA HIS A 154 7.17 -27.66 -16.69
C HIS A 154 8.34 -27.12 -17.52
N ALA A 155 9.06 -28.00 -18.20
CA ALA A 155 10.29 -27.67 -18.95
C ALA A 155 10.00 -26.74 -20.15
N MET A 156 9.01 -27.09 -20.94
CA MET A 156 8.52 -26.32 -22.09
C MET A 156 8.46 -24.84 -21.70
N THR A 157 7.70 -24.43 -20.71
CA THR A 157 7.55 -22.98 -20.43
C THR A 157 8.71 -22.50 -19.53
N GLY A 158 9.30 -23.40 -18.73
CA GLY A 158 10.41 -23.04 -17.87
C GLY A 158 11.61 -22.65 -18.70
N LEU A 159 11.76 -23.19 -19.92
CA LEU A 159 13.04 -23.05 -20.67
C LEU A 159 12.84 -22.17 -21.90
N HIS A 160 11.65 -21.69 -22.18
CA HIS A 160 11.46 -20.91 -23.40
C HIS A 160 11.74 -19.45 -23.07
N ARG A 161 12.63 -18.84 -23.83
CA ARG A 161 13.10 -17.46 -23.66
C ARG A 161 11.97 -16.45 -23.78
N SER A 162 10.97 -16.68 -24.62
CA SER A 162 9.82 -15.73 -24.76
C SER A 162 9.09 -15.52 -23.43
N LEU A 163 8.96 -16.56 -22.62
CA LEU A 163 8.28 -16.40 -21.29
C LEU A 163 9.07 -15.43 -20.34
N ILE A 164 10.32 -15.08 -20.57
CA ILE A 164 10.99 -14.00 -19.77
C ILE A 164 10.10 -12.77 -19.84
N ALA A 165 9.56 -12.39 -20.99
CA ALA A 165 8.63 -11.23 -21.06
C ALA A 165 7.22 -11.68 -20.73
N ASN A 166 6.77 -12.84 -21.29
CA ASN A 166 5.31 -13.08 -21.36
C ASN A 166 4.81 -13.45 -19.96
N ARG A 167 5.64 -14.11 -19.19
CA ARG A 167 5.26 -14.50 -17.82
C ARG A 167 4.99 -13.24 -16.96
N ILE A 168 5.66 -12.13 -17.24
CA ILE A 168 5.37 -10.87 -16.55
C ILE A 168 3.97 -10.48 -16.95
N SER A 169 3.70 -10.47 -18.25
CA SER A 169 2.39 -10.02 -18.74
C SER A 169 1.33 -10.87 -18.03
N TYR A 170 1.51 -12.18 -17.98
CA TYR A 170 0.51 -13.11 -17.42
C TYR A 170 0.32 -12.72 -15.95
N ALA A 171 1.39 -12.69 -15.16
CA ALA A 171 1.34 -12.43 -13.71
C ALA A 171 0.63 -11.10 -13.46
N LEU A 172 0.86 -10.06 -14.23
CA LEU A 172 0.20 -8.76 -13.98
C LEU A 172 -1.11 -8.67 -14.75
N GLY A 173 -1.50 -9.68 -15.49
CA GLY A 173 -2.67 -9.56 -16.40
C GLY A 173 -2.63 -8.35 -17.30
N ALA A 174 -1.49 -8.10 -17.95
CA ALA A 174 -1.23 -6.98 -18.89
C ALA A 174 -1.56 -7.40 -20.34
N HIS A 175 -2.12 -6.47 -21.11
CA HIS A 175 -2.58 -6.67 -22.52
C HIS A 175 -1.67 -5.94 -23.51
N GLY A 176 -0.71 -5.17 -23.03
CA GLY A 176 0.24 -4.56 -23.96
C GLY A 176 1.07 -5.61 -24.66
N PRO A 177 1.72 -5.20 -25.76
CA PRO A 177 2.70 -6.01 -26.43
C PRO A 177 3.74 -6.53 -25.45
N SER A 178 4.13 -7.78 -25.60
CA SER A 178 5.04 -8.47 -24.66
C SER A 178 6.01 -9.30 -25.50
N MET A 179 7.28 -8.96 -25.46
CA MET A 179 8.32 -9.56 -26.37
C MET A 179 9.74 -9.52 -25.79
N VAL A 180 10.54 -10.50 -26.19
CA VAL A 180 12.00 -10.58 -25.96
C VAL A 180 12.72 -10.15 -27.24
N VAL A 181 13.71 -9.28 -27.14
CA VAL A 181 14.54 -8.96 -28.32
C VAL A 181 15.96 -9.49 -28.09
N ASP A 182 16.59 -9.97 -29.15
CA ASP A 182 17.99 -10.49 -29.22
C ASP A 182 18.75 -9.79 -30.36
N THR A 183 19.61 -8.82 -29.95
CA THR A 183 20.64 -8.15 -30.73
C THR A 183 22.02 -8.42 -30.08
N GLY A 184 22.17 -9.54 -29.40
CA GLY A 184 23.36 -9.81 -28.55
C GLY A 184 23.54 -8.68 -27.53
N GLN A 185 24.68 -8.00 -27.56
CA GLN A 185 25.14 -7.22 -26.35
C GLN A 185 24.50 -5.84 -26.32
N SER A 186 23.63 -5.48 -27.30
CA SER A 186 22.80 -4.26 -27.26
C SER A 186 21.34 -4.58 -26.90
N SER A 187 21.00 -5.85 -26.60
CA SER A 187 19.59 -6.27 -26.49
C SER A 187 18.82 -5.39 -25.50
N SER A 188 19.29 -5.24 -24.26
CA SER A 188 18.47 -4.53 -23.24
C SER A 188 18.23 -3.07 -23.64
N LEU A 189 19.12 -2.42 -24.36
CA LEU A 189 18.89 -0.99 -24.67
C LEU A 189 18.00 -0.89 -25.92
N VAL A 190 18.12 -1.86 -26.83
CA VAL A 190 17.13 -1.92 -27.94
C VAL A 190 15.71 -2.12 -27.38
N ALA A 191 15.55 -3.01 -26.41
CA ALA A 191 14.28 -3.21 -25.67
C ALA A 191 13.73 -1.86 -25.16
N VAL A 192 14.57 -1.00 -24.63
CA VAL A 192 14.09 0.34 -24.15
C VAL A 192 13.63 1.20 -25.31
N HIS A 193 14.39 1.28 -26.40
CA HIS A 193 13.94 1.95 -27.66
C HIS A 193 12.56 1.43 -28.11
N LEU A 194 12.38 0.11 -28.17
CA LEU A 194 11.09 -0.43 -28.67
C LEU A 194 9.95 -0.02 -27.71
N ALA A 195 10.19 -0.05 -26.38
CA ALA A 195 9.21 0.37 -25.36
C ALA A 195 8.86 1.85 -25.59
N CYS A 196 9.86 2.73 -25.76
CA CYS A 196 9.63 4.16 -26.03
C CYS A 196 8.74 4.33 -27.26
N GLU A 197 9.01 3.59 -28.32
CA GLU A 197 8.28 3.74 -29.61
C GLU A 197 6.86 3.25 -29.36
N SER A 198 6.66 2.15 -28.65
CA SER A 198 5.27 1.63 -28.38
C SER A 198 4.44 2.68 -27.60
N LEU A 199 5.07 3.41 -26.66
CA LEU A 199 4.42 4.49 -25.88
C LEU A 199 4.12 5.66 -26.83
N ARG A 200 5.07 6.10 -27.66
CA ARG A 200 4.80 7.22 -28.62
C ARG A 200 3.70 6.87 -29.63
N ARG A 201 3.51 5.60 -30.02
CA ARG A 201 2.42 5.19 -30.95
C ARG A 201 1.08 5.13 -30.19
N GLY A 202 1.06 5.16 -28.87
CA GLY A 202 -0.15 4.86 -28.07
C GLY A 202 -0.50 3.36 -28.03
N GLU A 203 0.39 2.45 -28.41
CA GLU A 203 0.14 0.99 -28.34
C GLU A 203 0.22 0.50 -26.88
N SER A 204 1.16 1.00 -26.12
CA SER A 204 1.30 0.81 -24.67
C SER A 204 0.89 2.13 -24.02
N ASP A 205 0.27 2.10 -22.84
CA ASP A 205 0.13 3.33 -21.98
C ASP A 205 1.21 3.34 -20.88
N ILE A 206 1.77 2.18 -20.59
CA ILE A 206 2.92 2.08 -19.65
C ILE A 206 3.77 0.91 -20.11
N ALA A 207 5.07 0.97 -19.88
CA ALA A 207 5.92 -0.14 -20.29
C ALA A 207 6.98 -0.44 -19.25
N LEU A 208 7.27 -1.75 -19.10
CA LEU A 208 8.50 -2.30 -18.48
C LEU A 208 9.52 -2.66 -19.58
N ALA A 209 10.70 -2.10 -19.48
CA ALA A 209 11.78 -2.35 -20.47
C ALA A 209 13.08 -2.58 -19.74
N GLY A 210 13.87 -3.50 -20.27
CA GLY A 210 15.26 -3.75 -19.83
C GLY A 210 15.68 -5.12 -20.27
N GLY A 211 16.44 -5.83 -19.47
CA GLY A 211 16.93 -7.16 -19.84
C GLY A 211 17.56 -7.88 -18.69
N VAL A 212 18.04 -9.05 -19.01
CA VAL A 212 18.59 -9.99 -18.02
C VAL A 212 19.63 -10.84 -18.73
N ASN A 213 20.63 -11.27 -17.96
CA ASN A 213 21.75 -12.14 -18.41
C ASN A 213 22.29 -12.82 -17.14
N LEU A 214 22.13 -14.12 -17.07
CA LEU A 214 22.68 -14.91 -15.95
C LEU A 214 23.66 -15.93 -16.52
N ASN A 215 24.82 -15.98 -15.87
CA ASN A 215 25.98 -16.76 -16.36
C ASN A 215 26.05 -18.03 -15.54
N ILE A 216 25.24 -18.98 -15.94
CA ILE A 216 24.94 -20.17 -15.10
C ILE A 216 25.66 -21.37 -15.64
N ALA A 217 25.77 -21.53 -16.96
CA ALA A 217 26.32 -22.77 -17.56
C ALA A 217 27.81 -22.57 -17.93
N ALA A 218 28.65 -23.56 -17.69
CA ALA A 218 30.11 -23.53 -18.02
C ALA A 218 30.31 -23.44 -19.55
N GLU A 219 29.44 -24.13 -20.30
CA GLU A 219 29.36 -24.09 -21.79
C GLU A 219 29.42 -22.66 -22.37
N SER A 220 28.78 -21.66 -21.76
CA SER A 220 28.74 -20.29 -22.34
C SER A 220 30.09 -19.61 -22.01
N ALA A 221 30.67 -19.93 -20.85
CA ALA A 221 32.02 -19.47 -20.45
C ALA A 221 33.08 -19.84 -21.51
N ARG A 222 33.14 -21.13 -21.87
CA ARG A 222 34.07 -21.72 -22.88
C ARG A 222 33.92 -20.99 -24.22
N GLU A 223 32.71 -20.91 -24.78
CA GLU A 223 32.46 -20.45 -26.18
C GLU A 223 32.92 -19.00 -26.36
N THR A 224 32.87 -18.23 -25.28
CA THR A 224 33.33 -16.81 -25.19
C THR A 224 34.85 -16.75 -25.01
N ALA A 225 35.40 -17.62 -24.15
CA ALA A 225 36.87 -17.83 -24.01
C ALA A 225 37.48 -18.19 -25.38
N ALA A 226 36.89 -19.14 -26.09
CA ALA A 226 37.38 -19.70 -27.38
C ALA A 226 37.18 -18.70 -28.54
N PHE A 227 36.23 -17.76 -28.45
CA PHE A 227 36.20 -16.58 -29.36
C PHE A 227 37.41 -15.66 -29.08
N GLY A 228 37.93 -15.61 -27.85
CA GLY A 228 39.15 -14.86 -27.45
C GLY A 228 38.88 -13.49 -26.83
N GLY A 229 37.63 -13.12 -26.58
CA GLY A 229 37.29 -11.72 -26.21
C GLY A 229 37.57 -11.39 -24.76
N LEU A 230 37.82 -12.40 -23.90
CA LEU A 230 37.91 -12.23 -22.42
C LEU A 230 39.27 -11.66 -22.05
N SER A 231 39.29 -10.70 -21.14
CA SER A 231 40.51 -10.22 -20.43
C SER A 231 41.12 -11.31 -19.54
N PRO A 232 42.41 -11.68 -19.73
CA PRO A 232 43.00 -12.75 -18.94
C PRO A 232 43.24 -12.26 -17.50
N ASP A 233 43.15 -10.94 -17.29
CA ASP A 233 43.24 -10.26 -15.97
C ASP A 233 41.85 -10.12 -15.34
N GLY A 234 40.75 -10.29 -16.09
CA GLY A 234 39.43 -10.25 -15.45
C GLY A 234 38.97 -8.83 -15.17
N GLN A 235 39.38 -7.87 -15.99
CA GLN A 235 38.96 -6.46 -15.86
C GLN A 235 38.69 -5.92 -17.27
N CYS A 236 37.69 -5.04 -17.35
CA CYS A 236 37.44 -4.14 -18.49
C CYS A 236 38.29 -2.89 -18.25
N PHE A 237 39.42 -2.75 -18.93
CA PHE A 237 40.34 -1.59 -18.76
C PHE A 237 39.81 -0.50 -19.67
N THR A 238 38.68 0.09 -19.33
CA THR A 238 37.95 0.91 -20.34
C THR A 238 38.74 2.18 -20.64
N PHE A 239 39.19 2.31 -21.90
CA PHE A 239 39.87 3.47 -22.54
C PHE A 239 41.33 3.55 -22.08
N ASP A 240 41.82 2.45 -21.47
CA ASP A 240 43.11 2.36 -20.72
C ASP A 240 44.08 1.50 -21.52
N ALA A 241 45.38 1.67 -21.27
CA ALA A 241 46.43 1.03 -22.08
C ALA A 241 46.43 -0.48 -21.86
N ARG A 242 46.00 -1.01 -20.71
CA ARG A 242 46.01 -2.49 -20.50
C ARG A 242 44.88 -3.13 -21.34
N ALA A 243 43.99 -2.33 -21.93
CA ALA A 243 42.74 -2.81 -22.57
C ALA A 243 43.05 -4.16 -23.21
N ASN A 244 42.51 -5.29 -22.72
CA ASN A 244 42.84 -6.65 -23.27
C ASN A 244 41.61 -7.55 -23.28
N GLY A 245 40.42 -6.96 -23.41
CA GLY A 245 39.18 -7.73 -23.51
C GLY A 245 38.30 -7.39 -22.34
N PHE A 246 37.21 -8.14 -22.16
CA PHE A 246 36.18 -7.79 -21.15
C PHE A 246 36.17 -8.91 -20.12
N VAL A 247 35.56 -8.61 -18.99
CA VAL A 247 35.20 -9.60 -17.94
C VAL A 247 33.67 -9.70 -17.90
N ARG A 248 33.17 -10.92 -17.75
CA ARG A 248 31.72 -11.22 -17.78
C ARG A 248 31.05 -10.72 -16.50
N GLY A 249 29.80 -10.28 -16.62
CA GLY A 249 28.92 -9.91 -15.50
C GLY A 249 27.53 -10.46 -15.73
N GLU A 250 26.76 -10.62 -14.69
CA GLU A 250 25.40 -11.13 -14.78
C GLU A 250 24.49 -10.23 -13.94
N GLY A 251 23.22 -10.32 -14.20
CA GLY A 251 22.20 -9.52 -13.50
C GLY A 251 21.15 -9.04 -14.46
N GLY A 252 20.34 -8.10 -13.98
CA GLY A 252 19.22 -7.57 -14.74
C GLY A 252 18.74 -6.25 -14.23
N GLY A 253 17.92 -5.60 -15.02
CA GLY A 253 17.25 -4.40 -14.55
C GLY A 253 16.12 -4.05 -15.47
N LEU A 254 15.21 -3.18 -14.99
CA LEU A 254 14.01 -2.69 -15.67
C LEU A 254 13.84 -1.22 -15.31
N VAL A 255 13.32 -0.48 -16.24
CA VAL A 255 12.72 0.83 -16.01
C VAL A 255 11.25 0.71 -16.30
N VAL A 256 10.49 1.59 -15.66
CA VAL A 256 9.05 1.81 -15.86
C VAL A 256 8.91 3.09 -16.63
N LEU A 257 8.23 3.04 -17.78
CA LEU A 257 8.17 4.20 -18.68
C LEU A 257 6.75 4.60 -18.96
N LYS A 258 6.55 5.91 -19.12
CA LYS A 258 5.28 6.51 -19.56
C LYS A 258 5.62 7.69 -20.45
N THR A 259 4.67 8.20 -21.23
CA THR A 259 4.90 9.52 -21.90
C THR A 259 5.11 10.57 -20.79
N LEU A 260 6.02 11.52 -20.97
CA LEU A 260 6.19 12.61 -19.98
C LEU A 260 4.85 13.31 -19.70
N ARG A 261 4.02 13.51 -20.73
CA ARG A 261 2.68 14.16 -20.62
C ARG A 261 1.81 13.37 -19.65
N ARG A 262 1.70 12.04 -19.86
CA ARG A 262 0.83 11.17 -19.01
C ARG A 262 1.36 11.14 -17.58
N ALA A 263 2.68 11.20 -17.36
CA ALA A 263 3.31 11.01 -16.04
C ALA A 263 3.13 12.26 -15.15
N LEU A 264 3.38 13.46 -15.69
CA LEU A 264 3.03 14.80 -15.12
C LEU A 264 1.55 14.83 -14.73
N ALA A 265 0.64 14.64 -15.68
CA ALA A 265 -0.83 14.54 -15.47
C ALA A 265 -1.13 13.57 -14.31
N ASP A 266 -0.51 12.39 -14.26
CA ASP A 266 -0.75 11.42 -13.16
C ASP A 266 0.07 11.75 -11.91
N GLY A 267 0.87 12.81 -11.86
CA GLY A 267 1.64 13.12 -10.65
C GLY A 267 2.68 12.07 -10.29
N ASP A 268 3.26 11.33 -11.26
CA ASP A 268 4.30 10.33 -10.92
C ASP A 268 5.59 11.08 -10.58
N LEU A 269 6.42 10.47 -9.77
CA LEU A 269 7.84 10.85 -9.65
C LEU A 269 8.57 10.54 -10.97
N VAL A 270 9.14 11.55 -11.58
CA VAL A 270 9.97 11.41 -12.81
C VAL A 270 11.43 11.28 -12.40
N HIS A 271 12.09 10.16 -12.74
CA HIS A 271 13.53 9.89 -12.41
C HIS A 271 14.42 10.52 -13.48
N GLY A 272 13.88 10.72 -14.67
CA GLY A 272 14.65 10.92 -15.89
C GLY A 272 13.68 11.03 -17.03
N VAL A 273 14.13 11.67 -18.11
CA VAL A 273 13.30 11.85 -19.33
C VAL A 273 14.12 11.33 -20.50
N ILE A 274 13.59 10.38 -21.28
CA ILE A 274 14.23 9.92 -22.54
C ILE A 274 13.74 10.85 -23.65
N LEU A 275 14.66 11.66 -24.16
CA LEU A 275 14.40 12.70 -25.19
C LEU A 275 14.36 12.04 -26.56
N ALA A 276 15.25 11.08 -26.78
CA ALA A 276 15.32 10.29 -28.02
C ALA A 276 16.11 8.98 -27.78
N SER A 277 15.92 8.04 -28.67
CA SER A 277 16.71 6.80 -28.77
C SER A 277 16.83 6.39 -30.24
N ALA A 278 17.88 5.68 -30.60
CA ALA A 278 18.07 5.26 -32.00
C ALA A 278 18.74 3.91 -32.03
N VAL A 279 18.45 3.16 -33.10
CA VAL A 279 19.08 1.85 -33.37
C VAL A 279 19.54 1.85 -34.81
N ASN A 280 20.72 1.31 -35.08
CA ASN A 280 21.21 1.15 -36.45
C ASN A 280 22.03 -0.15 -36.47
N ASN A 281 22.59 -0.46 -37.63
CA ASN A 281 23.55 -1.55 -37.69
C ASN A 281 24.82 -1.03 -38.37
N ASP A 282 25.97 -1.57 -38.02
CA ASP A 282 27.28 -1.27 -38.60
C ASP A 282 27.28 -1.48 -40.11
N GLY A 283 26.48 -2.40 -40.66
CA GLY A 283 26.50 -2.58 -42.11
C GLY A 283 27.85 -3.19 -42.52
N PRO A 284 28.56 -2.62 -43.53
CA PRO A 284 29.71 -3.27 -44.15
C PRO A 284 31.00 -3.00 -43.36
N SER A 285 31.17 -3.65 -42.24
CA SER A 285 32.32 -3.47 -41.33
C SER A 285 33.44 -4.42 -41.77
N ASP A 286 34.65 -4.29 -41.22
CA ASP A 286 35.83 -5.04 -41.75
C ASP A 286 35.60 -6.53 -41.66
N THR A 287 35.03 -6.98 -40.52
CA THR A 287 34.50 -8.35 -40.31
C THR A 287 33.09 -8.23 -39.73
N LEU A 288 32.45 -9.38 -39.52
CA LEU A 288 31.09 -9.50 -38.93
C LEU A 288 31.09 -8.79 -37.56
N THR A 289 32.13 -9.09 -36.79
CA THR A 289 32.20 -8.62 -35.39
C THR A 289 33.17 -7.46 -35.21
N THR A 290 33.56 -6.76 -36.25
CA THR A 290 34.36 -5.52 -36.04
C THR A 290 33.36 -4.37 -35.96
N PRO A 291 33.40 -3.48 -34.95
CA PRO A 291 32.51 -2.32 -34.91
C PRO A 291 32.84 -1.33 -36.03
N SER A 292 31.90 -0.47 -36.36
CA SER A 292 32.07 0.58 -37.40
C SER A 292 32.07 1.95 -36.76
N ARG A 293 33.17 2.69 -36.94
CA ARG A 293 33.18 4.11 -36.54
C ARG A 293 32.07 4.83 -37.33
N ARG A 294 32.00 4.63 -38.63
CA ARG A 294 31.06 5.47 -39.43
C ARG A 294 29.66 5.22 -38.90
N ALA A 295 29.30 3.96 -38.58
CA ALA A 295 27.91 3.63 -38.20
C ALA A 295 27.60 4.32 -36.86
N GLN A 296 28.52 4.20 -35.90
CA GLN A 296 28.44 4.88 -34.57
C GLN A 296 28.29 6.40 -34.71
N GLU A 297 29.01 7.01 -35.64
CA GLU A 297 28.93 8.47 -35.83
C GLU A 297 27.55 8.82 -36.35
N SER A 298 27.13 8.10 -37.36
CA SER A 298 25.81 8.30 -37.98
C SER A 298 24.71 8.15 -36.88
N LEU A 299 24.81 7.11 -36.04
CA LEU A 299 23.88 6.86 -34.92
C LEU A 299 23.79 8.11 -34.00
N LEU A 300 24.92 8.52 -33.44
CA LEU A 300 25.02 9.70 -32.52
C LEU A 300 24.40 10.91 -33.22
N THR A 301 24.89 11.26 -34.41
CA THR A 301 24.40 12.48 -35.13
C THR A 301 22.88 12.45 -35.14
N ARG A 302 22.32 11.29 -35.53
CA ARG A 302 20.87 11.19 -35.81
C ARG A 302 20.17 11.38 -34.47
N VAL A 303 20.70 10.74 -33.43
CA VAL A 303 19.86 10.66 -32.21
C VAL A 303 19.90 12.01 -31.52
N TYR A 304 21.08 12.64 -31.43
CA TYR A 304 21.21 14.02 -30.83
C TYR A 304 20.36 15.00 -31.63
N ARG A 305 20.18 14.82 -32.94
CA ARG A 305 19.34 15.77 -33.70
C ARG A 305 17.91 15.62 -33.19
N ARG A 306 17.32 14.44 -33.20
CA ARG A 306 15.87 14.22 -32.86
C ARG A 306 15.63 14.65 -31.42
N ALA A 307 16.60 14.36 -30.55
CA ALA A 307 16.61 14.80 -29.14
C ALA A 307 16.63 16.32 -29.08
N GLY A 308 16.96 17.04 -30.17
CA GLY A 308 17.17 18.51 -30.20
C GLY A 308 18.19 18.98 -29.15
N VAL A 309 19.42 18.45 -29.18
CA VAL A 309 20.46 18.65 -28.14
C VAL A 309 21.84 18.76 -28.82
N THR A 310 22.59 19.81 -28.49
CA THR A 310 23.93 20.09 -29.05
C THR A 310 24.98 19.33 -28.24
N PRO A 311 26.19 19.15 -28.78
CA PRO A 311 27.29 18.56 -28.01
C PRO A 311 27.71 19.28 -26.71
N THR A 312 27.59 20.61 -26.61
CA THR A 312 28.00 21.34 -25.38
C THR A 312 26.98 21.03 -24.27
N GLU A 313 25.72 20.80 -24.66
CA GLU A 313 24.62 20.59 -23.69
C GLU A 313 24.72 19.20 -23.03
N VAL A 314 25.42 18.24 -23.64
CA VAL A 314 25.58 16.83 -23.12
C VAL A 314 26.62 16.87 -22.02
N GLY A 315 26.34 16.29 -20.84
CA GLY A 315 27.23 16.39 -19.67
C GLY A 315 28.06 15.14 -19.40
N TYR A 316 27.64 13.98 -19.92
CA TYR A 316 28.26 12.66 -19.63
C TYR A 316 27.75 11.64 -20.66
N VAL A 317 28.60 10.69 -21.05
CA VAL A 317 28.18 9.50 -21.83
C VAL A 317 28.64 8.25 -21.10
N GLU A 318 27.67 7.39 -20.84
CA GLU A 318 27.89 5.99 -20.47
C GLU A 318 28.26 5.25 -21.75
N LEU A 319 29.50 4.76 -21.83
CA LEU A 319 30.05 4.07 -22.99
C LEU A 319 29.52 2.62 -22.96
N HIS A 320 29.52 1.98 -24.11
CA HIS A 320 29.50 0.52 -24.20
C HIS A 320 30.73 0.07 -23.41
N GLY A 321 31.91 0.52 -23.84
CA GLY A 321 33.14 0.60 -23.03
C GLY A 321 33.57 -0.76 -22.47
N THR A 322 33.86 -1.73 -23.33
CA THR A 322 34.16 -3.11 -22.88
C THR A 322 35.65 -3.38 -22.65
N GLY A 323 36.56 -2.50 -23.08
CA GLY A 323 38.01 -2.68 -22.80
C GLY A 323 38.67 -3.67 -23.75
N THR A 324 38.23 -3.65 -25.00
CA THR A 324 38.83 -4.43 -26.10
C THR A 324 39.69 -3.45 -26.91
N LYS A 325 40.81 -3.93 -27.43
CA LYS A 325 41.78 -3.14 -28.22
C LYS A 325 41.14 -2.64 -29.50
N VAL A 326 40.37 -3.47 -30.19
CA VAL A 326 39.72 -3.00 -31.43
C VAL A 326 38.62 -1.97 -31.03
N GLY A 327 37.83 -2.26 -30.00
CA GLY A 327 36.54 -1.58 -29.83
C GLY A 327 36.68 -0.21 -29.18
N ASP A 328 37.58 -0.13 -28.20
CA ASP A 328 37.72 1.08 -27.35
C ASP A 328 38.02 2.30 -28.23
N PRO A 329 39.08 2.23 -29.07
CA PRO A 329 39.40 3.34 -29.98
C PRO A 329 38.32 3.72 -31.02
N ILE A 330 37.58 2.74 -31.54
CA ILE A 330 36.50 3.10 -32.51
C ILE A 330 35.41 3.87 -31.78
N GLU A 331 34.97 3.39 -30.61
CA GLU A 331 33.95 4.12 -29.82
C GLU A 331 34.45 5.54 -29.48
N ALA A 332 35.70 5.66 -28.95
CA ALA A 332 36.32 7.00 -28.65
C ALA A 332 36.30 7.89 -29.92
N ALA A 333 36.75 7.35 -31.06
CA ALA A 333 36.88 8.17 -32.29
C ALA A 333 35.50 8.70 -32.68
N ALA A 334 34.44 7.90 -32.59
CA ALA A 334 33.08 8.30 -33.05
C ALA A 334 32.48 9.40 -32.15
N LEU A 335 32.71 9.27 -30.85
CA LEU A 335 32.20 10.22 -29.83
C LEU A 335 32.94 11.57 -29.96
N GLY A 336 34.26 11.52 -30.06
CA GLY A 336 35.08 12.71 -30.42
C GLY A 336 34.51 13.46 -31.61
N ALA A 337 34.23 12.74 -32.70
CA ALA A 337 33.86 13.38 -33.98
C ALA A 337 32.49 14.07 -33.82
N VAL A 338 31.57 13.56 -32.99
CA VAL A 338 30.14 14.03 -33.04
C VAL A 338 29.89 14.92 -31.84
N LEU A 339 30.44 14.54 -30.69
CA LEU A 339 30.12 15.16 -29.37
C LEU A 339 31.34 15.92 -28.80
N GLY A 340 32.58 15.53 -29.10
CA GLY A 340 33.81 16.19 -28.61
C GLY A 340 34.15 17.45 -29.39
N THR A 341 33.98 17.40 -30.71
CA THR A 341 34.18 18.49 -31.71
C THR A 341 33.47 19.77 -31.26
N GLY A 342 32.19 19.69 -30.97
CA GLY A 342 31.40 20.91 -30.72
C GLY A 342 31.81 21.65 -29.45
N ARG A 343 32.84 21.20 -28.71
CA ARG A 343 33.01 21.52 -27.26
C ARG A 343 34.29 22.31 -27.03
N ASP A 344 34.44 22.77 -25.80
CA ASP A 344 35.50 23.69 -25.28
C ASP A 344 35.88 23.22 -23.88
N THR A 345 35.05 22.32 -23.34
CA THR A 345 35.29 21.48 -22.13
C THR A 345 35.36 20.03 -22.60
N PRO A 346 36.29 19.20 -22.07
CA PRO A 346 36.30 17.78 -22.38
C PRO A 346 34.97 17.09 -21.96
N LEU A 347 34.44 16.19 -22.79
CA LEU A 347 33.25 15.35 -22.43
C LEU A 347 33.65 14.26 -21.44
N PRO A 348 33.13 14.22 -20.21
CA PRO A 348 33.43 13.07 -19.36
C PRO A 348 32.66 11.83 -19.87
N VAL A 349 33.30 10.67 -19.71
CA VAL A 349 32.78 9.33 -20.10
C VAL A 349 33.28 8.32 -19.09
N GLY A 350 32.57 7.21 -19.04
CA GLY A 350 32.77 6.10 -18.09
C GLY A 350 31.89 4.94 -18.52
N SER A 351 32.15 3.79 -17.89
CA SER A 351 31.44 2.52 -18.09
C SER A 351 31.28 1.81 -16.76
N ILE A 352 30.03 1.55 -16.38
CA ILE A 352 29.73 0.62 -15.25
C ILE A 352 30.38 -0.75 -15.48
N LYS A 353 30.75 -1.13 -16.69
CA LYS A 353 31.37 -2.47 -16.88
C LYS A 353 32.69 -2.56 -16.11
N THR A 354 33.32 -1.41 -15.82
CA THR A 354 34.54 -1.35 -14.94
C THR A 354 34.19 -1.70 -13.50
N ASN A 355 32.93 -1.60 -13.11
CA ASN A 355 32.49 -1.99 -11.74
C ASN A 355 31.98 -3.43 -11.76
N ILE A 356 31.13 -3.82 -12.72
CA ILE A 356 30.30 -5.05 -12.55
C ILE A 356 30.56 -6.08 -13.64
N GLY A 357 31.42 -5.78 -14.62
CA GLY A 357 31.66 -6.68 -15.75
C GLY A 357 30.69 -6.38 -16.88
N HIS A 358 30.73 -7.21 -17.92
CA HIS A 358 29.95 -7.04 -19.17
C HIS A 358 28.70 -7.94 -19.07
N LEU A 359 27.55 -7.31 -18.92
CA LEU A 359 26.33 -8.10 -18.68
C LEU A 359 25.75 -8.56 -20.03
N GLU A 360 26.47 -8.36 -21.12
CA GLU A 360 26.09 -8.76 -22.50
C GLU A 360 24.68 -8.29 -22.81
N GLY A 361 23.73 -9.22 -22.91
CA GLY A 361 22.31 -8.90 -23.18
C GLY A 361 21.77 -7.81 -22.27
N ALA A 362 22.15 -7.81 -20.99
CA ALA A 362 21.63 -6.78 -20.03
C ALA A 362 22.63 -5.62 -19.80
N ALA A 363 23.72 -5.54 -20.53
CA ALA A 363 24.74 -4.48 -20.40
C ALA A 363 24.10 -3.09 -20.54
N GLY A 364 23.23 -2.84 -21.52
CA GLY A 364 22.63 -1.52 -21.78
C GLY A 364 21.81 -0.98 -20.62
N ILE A 365 20.96 -1.82 -20.04
CA ILE A 365 19.98 -1.41 -19.00
C ILE A 365 20.79 -1.06 -17.74
N ALA A 366 21.86 -1.79 -17.45
CA ALA A 366 22.80 -1.42 -16.36
C ALA A 366 23.32 -0.01 -16.65
N GLY A 367 23.67 0.24 -17.89
CA GLY A 367 24.30 1.52 -18.25
C GLY A 367 23.32 2.65 -18.08
N LEU A 368 22.09 2.49 -18.61
CA LEU A 368 20.99 3.47 -18.46
C LEU A 368 20.66 3.73 -16.97
N ILE A 369 20.65 2.68 -16.15
CA ILE A 369 20.27 2.77 -14.72
C ILE A 369 21.37 3.59 -14.00
N LYS A 370 22.68 3.35 -14.23
CA LYS A 370 23.78 4.25 -13.82
C LYS A 370 23.50 5.69 -14.30
N ALA A 371 23.17 5.94 -15.55
CA ALA A 371 22.97 7.33 -16.00
C ALA A 371 21.80 7.95 -15.23
N LEU A 372 20.76 7.19 -14.93
CA LEU A 372 19.54 7.76 -14.28
C LEU A 372 19.85 8.14 -12.82
N LEU A 373 20.66 7.32 -12.16
CA LEU A 373 21.11 7.51 -10.77
C LEU A 373 22.00 8.77 -10.77
N GLN A 374 22.99 8.83 -11.66
CA GLN A 374 23.76 10.09 -11.86
C GLN A 374 22.77 11.24 -12.02
N LEU A 375 21.78 11.14 -12.88
CA LEU A 375 20.94 12.31 -13.16
C LEU A 375 20.26 12.73 -11.85
N ARG A 376 19.72 11.80 -11.07
CA ARG A 376 18.89 12.25 -9.95
C ARG A 376 19.77 12.69 -8.74
N ARG A 377 20.82 11.94 -8.36
CA ARG A 377 21.87 12.38 -7.41
C ARG A 377 22.56 13.68 -7.85
N ARG A 378 22.40 14.09 -9.11
CA ARG A 378 23.20 15.19 -9.71
C ARG A 378 24.68 15.06 -9.34
N ARG A 379 25.23 13.85 -9.44
CA ARG A 379 26.68 13.51 -9.28
C ARG A 379 27.17 12.58 -10.41
N LEU A 380 28.45 12.68 -10.79
CA LEU A 380 29.21 11.70 -11.61
C LEU A 380 30.01 10.83 -10.67
N VAL A 381 30.37 9.63 -11.10
CA VAL A 381 31.05 8.61 -10.25
C VAL A 381 32.23 8.07 -11.04
N PRO A 382 33.21 7.47 -10.35
CA PRO A 382 34.40 6.97 -11.03
C PRO A 382 34.05 5.90 -12.08
N SER A 383 34.78 5.92 -13.19
CA SER A 383 35.10 4.78 -14.07
C SER A 383 36.38 4.13 -13.55
N LEU A 384 36.35 2.86 -13.17
CA LEU A 384 37.53 2.14 -12.65
C LEU A 384 38.44 1.72 -13.80
N ASN A 385 39.50 1.02 -13.40
CA ASN A 385 40.50 0.32 -14.22
C ASN A 385 41.21 1.32 -15.14
N PHE A 386 41.15 2.63 -14.86
CA PHE A 386 41.81 3.67 -15.70
C PHE A 386 43.05 4.22 -14.98
N SER A 387 44.18 4.30 -15.66
CA SER A 387 45.26 5.24 -15.22
C SER A 387 45.95 5.87 -16.44
N THR A 388 46.42 5.08 -17.41
CA THR A 388 47.10 5.60 -18.62
C THR A 388 46.19 5.44 -19.83
N PRO A 389 45.91 6.55 -20.56
CA PRO A 389 45.12 6.49 -21.79
C PRO A 389 45.65 5.45 -22.76
N ASN A 390 44.76 4.73 -23.45
CA ASN A 390 45.13 3.91 -24.63
C ASN A 390 45.89 4.78 -25.62
N PRO A 391 47.08 4.32 -26.04
CA PRO A 391 47.84 5.04 -27.09
C PRO A 391 47.01 5.33 -28.36
N ASP A 392 46.03 4.48 -28.70
CA ASP A 392 45.24 4.63 -29.95
C ASP A 392 44.09 5.59 -29.70
N ILE A 393 43.97 6.10 -28.49
CA ILE A 393 42.84 7.00 -28.15
C ILE A 393 43.47 8.32 -27.74
N PRO A 394 43.46 9.28 -28.69
CA PRO A 394 43.91 10.65 -28.44
C PRO A 394 42.84 11.53 -27.77
N LEU A 395 42.82 11.50 -26.43
CA LEU A 395 41.70 12.02 -25.61
C LEU A 395 41.58 13.53 -25.87
N ASP A 396 42.74 14.21 -25.84
CA ASP A 396 42.83 15.69 -26.04
C ASP A 396 42.35 16.07 -27.45
N ALA A 397 42.90 15.48 -28.49
CA ALA A 397 42.38 15.75 -29.85
C ALA A 397 40.86 15.41 -29.89
N LEU A 398 40.37 14.42 -29.14
CA LEU A 398 38.93 14.01 -29.28
C LEU A 398 38.07 14.89 -28.39
N ASN A 399 38.68 15.47 -27.34
CA ASN A 399 37.97 16.34 -26.36
C ASN A 399 37.07 15.46 -25.47
N LEU A 400 37.60 14.34 -25.00
CA LEU A 400 36.95 13.46 -24.00
C LEU A 400 37.86 13.29 -22.78
N ARG A 401 37.25 12.94 -21.64
CA ARG A 401 37.95 12.53 -20.39
C ARG A 401 37.23 11.36 -19.69
N VAL A 402 37.98 10.36 -19.28
CA VAL A 402 37.53 9.31 -18.31
C VAL A 402 37.30 9.91 -16.91
N GLN A 403 36.03 9.92 -16.47
CA GLN A 403 35.59 10.24 -15.08
C GLN A 403 36.30 9.29 -14.10
N GLN A 404 37.12 9.84 -13.19
CA GLN A 404 38.03 9.07 -12.28
C GLN A 404 37.69 9.27 -10.79
N GLU A 405 36.79 10.19 -10.44
CA GLU A 405 36.42 10.45 -9.03
C GLU A 405 34.92 10.80 -8.99
N SER A 406 34.29 10.62 -7.82
CA SER A 406 32.94 11.15 -7.51
C SER A 406 33.04 12.66 -7.53
N ALA A 407 31.96 13.35 -7.89
CA ALA A 407 31.96 14.82 -8.00
C ALA A 407 30.54 15.28 -8.27
N PRO A 408 30.15 16.49 -7.80
CA PRO A 408 28.92 17.13 -8.27
C PRO A 408 28.99 17.32 -9.78
N TRP A 409 27.84 17.48 -10.40
CA TRP A 409 27.64 17.65 -11.86
C TRP A 409 26.64 18.80 -12.05
N ALA A 410 26.96 19.86 -12.82
CA ALA A 410 26.06 21.04 -13.01
C ALA A 410 25.91 21.46 -14.48
N THR A 411 24.81 22.15 -14.83
CA THR A 411 24.48 22.66 -16.20
C THR A 411 25.79 23.05 -16.89
N PRO A 412 26.04 22.63 -18.16
CA PRO A 412 27.38 22.81 -18.75
C PRO A 412 27.73 24.24 -19.22
N THR A 418 19.52 22.09 -17.91
CA THR A 418 19.26 20.75 -17.28
C THR A 418 20.50 19.85 -17.52
N LEU A 419 20.68 18.75 -16.76
CA LEU A 419 21.72 17.72 -17.03
C LEU A 419 21.23 16.74 -18.11
N VAL A 420 22.12 16.37 -19.02
CA VAL A 420 21.87 15.42 -20.14
C VAL A 420 23.01 14.40 -20.19
N ALA A 421 22.67 13.12 -20.34
CA ALA A 421 23.61 11.98 -20.44
C ALA A 421 23.24 11.13 -21.67
N GLY A 422 24.25 10.54 -22.31
CA GLY A 422 24.07 9.57 -23.41
C GLY A 422 24.43 8.18 -22.93
N VAL A 423 23.75 7.17 -23.46
CA VAL A 423 24.08 5.76 -23.17
C VAL A 423 24.15 5.01 -24.48
N SER A 424 25.26 4.31 -24.71
CA SER A 424 25.54 3.52 -25.94
C SER A 424 25.45 2.04 -25.58
N SER A 425 24.88 1.21 -26.42
CA SER A 425 25.08 -0.26 -26.25
C SER A 425 25.15 -0.88 -27.64
N PHE A 426 26.21 -1.65 -27.85
CA PHE A 426 26.59 -2.19 -29.20
C PHE A 426 26.61 -3.73 -29.15
N GLY A 427 26.05 -4.39 -30.19
CA GLY A 427 26.08 -5.86 -30.30
C GLY A 427 27.18 -6.34 -31.23
N MET A 428 27.72 -7.52 -30.97
CA MET A 428 28.84 -8.10 -31.76
C MET A 428 28.37 -8.26 -33.22
N GLY A 429 27.07 -8.40 -33.49
CA GLY A 429 26.60 -8.49 -34.90
C GLY A 429 26.34 -7.13 -35.49
N GLY A 430 26.68 -6.05 -34.78
CA GLY A 430 26.60 -4.73 -35.40
C GLY A 430 25.40 -3.88 -35.05
N THR A 431 24.48 -4.35 -34.24
CA THR A 431 23.29 -3.55 -33.93
C THR A 431 23.64 -2.72 -32.70
N ASN A 432 23.58 -1.42 -32.93
CA ASN A 432 23.93 -0.35 -31.98
C ASN A 432 22.69 0.45 -31.57
N CYS A 433 22.72 0.91 -30.31
CA CYS A 433 21.62 1.65 -29.71
C CYS A 433 22.25 2.78 -28.91
N HIS A 434 21.62 3.95 -28.97
CA HIS A 434 22.03 5.12 -28.14
C HIS A 434 20.78 5.77 -27.62
N VAL A 435 20.78 6.02 -26.30
CA VAL A 435 19.68 6.71 -25.60
C VAL A 435 20.16 8.08 -25.06
N VAL A 436 19.39 9.13 -25.33
CA VAL A 436 19.66 10.46 -24.73
C VAL A 436 18.67 10.68 -23.59
N VAL A 437 19.20 10.79 -22.38
CA VAL A 437 18.36 10.90 -21.16
C VAL A 437 18.73 12.18 -20.36
N SER A 438 17.71 12.92 -19.92
CA SER A 438 17.85 14.17 -19.13
C SER A 438 17.23 14.03 -17.74
N ALA A 439 17.59 14.96 -16.85
CA ALA A 439 17.05 15.10 -15.48
C ALA A 439 15.58 15.46 -15.57
N ALA A 440 14.77 15.05 -14.59
CA ALA A 440 13.36 15.46 -14.42
C ALA A 440 13.24 16.98 -14.55
N PRO A 441 12.12 17.51 -15.13
CA PRO A 441 11.98 18.95 -15.38
C PRO A 441 11.71 19.87 -14.18
N SER A 459 -2.19 20.60 7.95
CA SER A 459 -0.93 19.92 8.34
C SER A 459 -1.20 18.49 8.87
N GLY A 460 -2.27 17.86 8.36
CA GLY A 460 -2.41 16.41 8.33
C GLY A 460 -2.85 15.82 9.66
N PRO A 461 -3.26 14.55 9.68
CA PRO A 461 -3.80 13.97 10.91
C PRO A 461 -2.76 14.03 12.05
N ALA A 462 -3.23 14.27 13.27
CA ALA A 462 -2.39 14.33 14.49
C ALA A 462 -1.92 12.91 14.83
N LEU A 463 -2.78 11.94 14.60
CA LEU A 463 -2.47 10.51 14.83
C LEU A 463 -2.29 9.87 13.45
N LEU A 464 -1.10 9.30 13.24
CA LEU A 464 -0.56 8.84 11.92
C LEU A 464 -0.57 7.33 11.93
N PRO A 465 -1.35 6.67 11.06
CA PRO A 465 -1.20 5.24 10.83
C PRO A 465 -0.12 4.91 9.79
N TRP A 466 0.82 4.01 10.12
CA TRP A 466 1.73 3.34 9.16
C TRP A 466 1.21 1.91 8.92
N VAL A 467 0.64 1.70 7.75
CA VAL A 467 0.13 0.38 7.28
C VAL A 467 1.27 -0.40 6.63
N VAL A 468 1.37 -1.68 6.94
CA VAL A 468 2.44 -2.60 6.47
C VAL A 468 1.82 -3.97 6.21
N SER A 469 2.19 -4.64 5.12
CA SER A 469 1.68 -5.99 4.81
C SER A 469 2.69 -6.84 4.00
N ALA A 470 2.41 -8.14 3.92
CA ALA A 470 3.27 -9.11 3.22
C ALA A 470 2.46 -10.39 3.09
N ARG A 471 3.00 -11.38 2.40
CA ARG A 471 2.21 -12.56 2.00
C ARG A 471 2.42 -13.74 2.95
N SER A 472 3.24 -13.53 3.99
CA SER A 472 3.47 -14.52 5.06
C SER A 472 3.82 -13.79 6.36
N PRO A 473 3.65 -14.45 7.52
CA PRO A 473 4.08 -13.86 8.79
C PRO A 473 5.58 -13.49 8.79
N GLN A 474 6.47 -14.37 8.29
CA GLN A 474 7.91 -14.09 8.27
C GLN A 474 8.16 -12.90 7.35
N ALA A 475 7.46 -12.79 6.22
CA ALA A 475 7.64 -11.67 5.28
C ALA A 475 7.20 -10.36 5.95
N LEU A 476 6.12 -10.42 6.73
CA LEU A 476 5.61 -9.20 7.43
C LEU A 476 6.62 -8.75 8.49
N ARG A 477 7.22 -9.68 9.20
CA ARG A 477 8.29 -9.30 10.17
C ARG A 477 9.45 -8.64 9.41
N ASP A 478 9.83 -9.17 8.25
CA ASP A 478 10.91 -8.58 7.43
C ASP A 478 10.54 -7.19 6.95
N GLN A 479 9.36 -7.04 6.35
CA GLN A 479 8.85 -5.77 5.79
C GLN A 479 8.90 -4.69 6.89
N ALA A 480 8.47 -5.05 8.09
CA ALA A 480 8.49 -4.13 9.26
C ALA A 480 9.93 -3.78 9.61
N GLY A 481 10.81 -4.76 9.72
CA GLY A 481 12.25 -4.54 9.95
C GLY A 481 12.84 -3.60 8.93
N ARG A 482 12.52 -3.82 7.68
CA ARG A 482 13.14 -3.03 6.62
C ARG A 482 12.60 -1.61 6.62
N LEU A 483 11.29 -1.45 6.85
CA LEU A 483 10.68 -0.13 6.89
C LEU A 483 11.26 0.63 8.11
N ALA A 484 11.44 -0.03 9.26
CA ALA A 484 12.07 0.55 10.48
C ALA A 484 13.44 1.15 10.10
N ALA A 485 14.34 0.32 9.57
CA ALA A 485 15.72 0.66 9.18
C ALA A 485 15.72 1.83 8.17
N TRP A 486 14.83 1.79 7.19
CA TRP A 486 14.83 2.85 6.15
C TRP A 486 14.40 4.18 6.79
N ALA A 487 13.34 4.09 7.59
CA ALA A 487 12.69 5.22 8.30
C ALA A 487 13.73 5.96 9.17
N ASP A 488 14.64 5.19 9.77
CA ASP A 488 15.72 5.65 10.67
C ASP A 488 16.90 6.22 9.90
N SER A 489 16.92 6.02 8.59
CA SER A 489 18.08 6.34 7.73
C SER A 489 18.02 7.81 7.31
N PRO A 490 19.19 8.43 7.04
CA PRO A 490 19.26 9.72 6.37
C PRO A 490 18.14 9.98 5.37
N ALA A 491 17.98 9.02 4.46
CA ALA A 491 16.95 8.97 3.42
C ALA A 491 15.57 9.03 4.09
N GLY A 492 15.24 8.07 4.96
CA GLY A 492 13.94 8.03 5.65
C GLY A 492 13.66 9.35 6.37
N ARG A 493 14.67 9.90 7.04
CA ARG A 493 14.54 11.11 7.90
C ARG A 493 14.29 12.32 7.01
N GLU A 494 14.65 12.28 5.74
CA GLU A 494 14.25 13.35 4.79
C GLU A 494 12.71 13.41 4.75
N ALA A 495 12.00 12.26 4.78
CA ALA A 495 10.56 12.15 4.49
C ALA A 495 9.68 12.56 5.70
N SER A 496 8.60 13.32 5.47
CA SER A 496 7.57 13.57 6.51
C SER A 496 6.96 12.23 6.91
N PRO A 497 6.70 12.04 8.22
CA PRO A 497 5.98 10.85 8.73
C PRO A 497 4.53 10.80 8.21
N VAL A 498 3.98 11.95 7.81
CA VAL A 498 2.66 12.04 7.11
C VAL A 498 2.80 11.51 5.67
N ASP A 499 3.90 11.82 4.99
CA ASP A 499 4.13 11.37 3.60
C ASP A 499 4.42 9.87 3.60
N ILE A 500 5.13 9.40 4.61
CA ILE A 500 5.40 7.94 4.72
C ILE A 500 4.09 7.18 4.87
N GLY A 501 3.28 7.68 5.79
CA GLY A 501 1.95 7.11 6.02
C GLY A 501 1.15 7.07 4.76
N TRP A 502 1.07 8.23 4.11
CA TRP A 502 0.27 8.38 2.86
C TRP A 502 0.78 7.37 1.81
N SER A 503 2.09 7.13 1.79
CA SER A 503 2.78 6.33 0.76
C SER A 503 2.48 4.86 1.01
N LEU A 504 2.57 4.45 2.27
CA LEU A 504 2.23 3.11 2.74
C LEU A 504 0.77 2.77 2.45
N ALA A 505 -0.08 3.79 2.50
CA ALA A 505 -1.52 3.60 2.34
C ALA A 505 -1.88 3.51 0.85
N THR A 506 -1.23 4.28 -0.01
CA THR A 506 -1.72 4.56 -1.40
C THR A 506 -0.81 3.93 -2.44
N SER A 507 0.44 3.62 -2.12
CA SER A 507 1.46 3.27 -3.14
C SER A 507 1.96 1.86 -2.87
N ARG A 508 1.27 1.09 -2.04
CA ARG A 508 1.63 -0.32 -1.76
C ARG A 508 0.39 -1.21 -1.78
N THR A 509 0.59 -2.46 -2.16
CA THR A 509 -0.38 -3.56 -2.04
C THR A 509 -0.63 -3.87 -0.56
N HIS A 510 -1.90 -4.09 -0.21
CA HIS A 510 -2.35 -4.59 1.12
C HIS A 510 -2.45 -6.09 1.01
N PHE A 511 -1.35 -6.81 1.25
CA PHE A 511 -1.25 -8.26 1.17
C PHE A 511 -2.05 -8.90 2.31
N GLU A 512 -1.96 -10.22 2.43
CA GLU A 512 -2.81 -11.06 3.30
C GLU A 512 -2.47 -10.83 4.78
N TYR A 513 -1.23 -10.57 5.17
CA TYR A 513 -0.79 -10.37 6.58
C TYR A 513 -0.48 -8.90 6.80
N ARG A 514 -1.34 -8.26 7.61
CA ARG A 514 -1.37 -6.81 7.78
C ARG A 514 -1.15 -6.48 9.23
N ALA A 515 -0.50 -5.36 9.44
CA ALA A 515 -0.44 -4.70 10.75
C ALA A 515 -0.63 -3.22 10.44
N VAL A 516 -1.17 -2.49 11.42
CA VAL A 516 -1.16 -1.01 11.44
C VAL A 516 -0.41 -0.58 12.70
N VAL A 517 0.63 0.23 12.57
CA VAL A 517 1.24 0.94 13.73
C VAL A 517 0.83 2.40 13.59
N SER A 518 0.67 3.10 14.71
CA SER A 518 0.16 4.49 14.76
C SER A 518 0.94 5.28 15.82
N GLY A 519 0.94 6.61 15.70
CA GLY A 519 1.71 7.47 16.60
C GLY A 519 1.72 8.91 16.14
N SER A 520 2.53 9.71 16.83
CA SER A 520 2.62 11.17 16.66
C SER A 520 3.90 11.57 15.98
N ASP A 521 4.90 10.68 15.99
CA ASP A 521 6.20 10.99 15.37
C ASP A 521 6.94 9.71 15.02
N ARG A 522 8.01 9.92 14.27
CA ARG A 522 8.89 8.94 13.63
C ARG A 522 9.35 7.95 14.71
N ASP A 523 9.86 8.46 15.82
CA ASP A 523 10.50 7.59 16.85
C ASP A 523 9.48 6.57 17.40
N GLU A 524 8.28 7.02 17.69
CA GLU A 524 7.16 6.16 18.15
C GLU A 524 6.76 5.14 17.07
N LEU A 525 6.56 5.59 15.83
CA LEU A 525 6.18 4.70 14.69
C LEU A 525 7.25 3.64 14.47
N VAL A 526 8.52 4.05 14.48
CA VAL A 526 9.69 3.16 14.24
C VAL A 526 9.80 2.12 15.32
N ALA A 527 9.53 2.52 16.58
CA ALA A 527 9.68 1.63 17.75
C ALA A 527 8.58 0.58 17.66
N SER A 528 7.38 0.98 17.22
CA SER A 528 6.27 0.02 17.02
C SER A 528 6.59 -0.92 15.83
N LEU A 529 7.28 -0.47 14.79
CA LEU A 529 7.73 -1.39 13.69
C LEU A 529 8.78 -2.37 14.22
N ARG A 530 9.76 -1.90 15.00
CA ARG A 530 10.85 -2.79 15.52
C ARG A 530 10.26 -3.90 16.40
N ALA A 531 9.18 -3.58 17.12
CA ALA A 531 8.44 -4.51 18.01
C ALA A 531 7.71 -5.56 17.15
N LEU A 532 6.99 -5.08 16.15
CA LEU A 532 6.31 -5.92 15.15
C LEU A 532 7.32 -6.95 14.60
N ALA A 533 8.51 -6.49 14.20
CA ALA A 533 9.58 -7.30 13.62
C ALA A 533 9.91 -8.46 14.56
N SER A 534 9.78 -8.31 15.88
CA SER A 534 10.09 -9.37 16.89
C SER A 534 8.92 -9.53 17.86
N ARG A 549 -18.34 -10.32 6.87
CA ARG A 549 -19.70 -9.77 7.15
C ARG A 549 -19.69 -9.03 8.51
N LEU A 550 -19.70 -7.71 8.41
CA LEU A 550 -19.67 -6.70 9.50
C LEU A 550 -21.11 -6.45 10.03
N GLY A 551 -21.27 -6.62 11.34
CA GLY A 551 -22.53 -6.38 12.07
C GLY A 551 -22.27 -5.21 12.96
N PHE A 552 -22.92 -4.07 12.72
CA PHE A 552 -22.79 -2.88 13.63
C PHE A 552 -23.87 -2.97 14.74
N LEU A 553 -23.45 -2.87 16.01
CA LEU A 553 -24.34 -3.00 17.20
C LEU A 553 -24.27 -1.64 17.88
N PHE A 554 -25.35 -0.85 17.81
CA PHE A 554 -25.38 0.54 18.34
C PHE A 554 -25.67 0.56 19.85
N SER A 555 -24.94 1.36 20.62
CA SER A 555 -24.97 1.29 22.11
C SER A 555 -26.24 1.95 22.64
N GLY A 556 -26.67 1.59 23.85
CA GLY A 556 -27.83 2.12 24.59
C GLY A 556 -27.42 2.89 25.84
N GLN A 557 -28.39 3.34 26.66
CA GLN A 557 -28.09 4.18 27.86
C GLN A 557 -27.18 3.35 28.80
N GLY A 558 -26.32 3.99 29.56
CA GLY A 558 -25.26 3.27 30.29
C GLY A 558 -23.94 3.34 29.53
N SER A 559 -23.97 3.60 28.23
CA SER A 559 -22.69 3.67 27.48
C SER A 559 -22.26 5.13 27.39
N GLN A 560 -23.13 6.11 27.71
CA GLN A 560 -22.74 7.56 27.63
C GLN A 560 -21.61 7.79 28.61
N ARG A 561 -20.85 8.85 28.38
CA ARG A 561 -19.73 9.19 29.27
C ARG A 561 -19.41 10.66 29.06
N ALA A 562 -18.90 11.33 30.11
CA ALA A 562 -18.62 12.78 30.05
C ALA A 562 -17.54 12.99 29.01
N GLY A 563 -17.68 13.96 28.09
CA GLY A 563 -16.69 14.26 27.05
C GLY A 563 -16.82 13.36 25.81
N MET A 564 -17.75 12.41 25.79
CA MET A 564 -18.02 11.51 24.63
C MET A 564 -18.06 12.33 23.32
N GLY A 565 -17.21 11.93 22.37
CA GLY A 565 -17.13 12.53 21.04
C GLY A 565 -16.18 13.72 20.94
N ARG A 566 -15.69 14.27 22.05
CA ARG A 566 -14.92 15.53 21.98
C ARG A 566 -13.59 15.33 21.22
N GLU A 567 -12.95 14.19 21.45
CA GLU A 567 -11.63 13.88 20.86
C GLU A 567 -11.78 13.58 19.34
N LEU A 568 -12.70 12.71 18.95
CA LEU A 568 -13.16 12.50 17.54
C LEU A 568 -13.47 13.84 16.88
N TYR A 569 -14.16 14.71 17.56
CA TYR A 569 -14.59 15.99 16.97
C TYR A 569 -13.33 16.82 16.71
N GLY A 570 -12.36 16.85 17.64
CA GLY A 570 -11.05 17.53 17.48
C GLY A 570 -10.20 16.93 16.38
N ALA A 571 -10.26 15.62 16.18
CA ALA A 571 -9.35 14.90 15.26
C ALA A 571 -9.91 14.92 13.83
N PHE A 572 -11.20 14.74 13.61
CA PHE A 572 -11.75 14.27 12.31
C PHE A 572 -12.87 15.16 11.80
N PRO A 573 -12.60 16.07 10.84
CA PRO A 573 -13.64 17.00 10.38
C PRO A 573 -14.89 16.34 9.80
N VAL A 574 -14.78 15.10 9.32
CA VAL A 574 -15.99 14.38 8.83
C VAL A 574 -16.86 14.11 10.06
N PHE A 575 -16.28 13.74 11.18
CA PHE A 575 -17.06 13.48 12.41
C PHE A 575 -17.69 14.80 12.85
N ALA A 576 -16.89 15.85 12.86
CA ALA A 576 -17.24 17.16 13.46
C ALA A 576 -18.39 17.80 12.64
N GLU A 577 -18.35 17.65 11.33
CA GLU A 577 -19.41 18.17 10.41
C GLU A 577 -20.71 17.35 10.59
N ALA A 578 -20.65 16.02 10.64
CA ALA A 578 -21.84 15.15 10.83
C ALA A 578 -22.43 15.44 12.23
N PHE A 579 -21.58 15.57 13.22
CA PHE A 579 -21.96 15.88 14.61
C PHE A 579 -22.65 17.25 14.71
N ASP A 580 -22.17 18.31 14.07
CA ASP A 580 -22.78 19.67 14.20
C ASP A 580 -24.12 19.71 13.45
N GLU A 581 -24.27 18.95 12.36
CA GLU A 581 -25.56 18.73 11.66
C GLU A 581 -26.58 18.04 12.59
N VAL A 582 -26.25 16.90 13.21
CA VAL A 582 -27.16 16.21 14.15
C VAL A 582 -27.47 17.15 15.32
N CYS A 583 -26.45 17.69 15.98
CA CYS A 583 -26.61 18.54 17.20
C CYS A 583 -27.44 19.80 16.85
N GLY A 584 -27.26 20.36 15.68
CA GLY A 584 -28.05 21.50 15.20
C GLY A 584 -29.53 21.16 15.21
N VAL A 585 -29.93 20.01 14.66
CA VAL A 585 -31.37 19.59 14.60
C VAL A 585 -31.86 19.35 16.04
N LEU A 586 -31.12 18.58 16.83
CA LEU A 586 -31.48 18.27 18.22
C LEU A 586 -31.52 19.57 19.08
N ASP A 587 -30.57 20.49 18.94
CA ASP A 587 -30.58 21.76 19.71
C ASP A 587 -31.93 22.44 19.54
N ALA A 588 -32.49 22.44 18.34
CA ALA A 588 -33.78 23.11 18.06
C ALA A 588 -34.87 22.39 18.85
N LEU A 589 -34.82 21.07 18.95
CA LEU A 589 -35.91 20.29 19.59
C LEU A 589 -35.78 20.48 21.09
N LEU A 590 -34.58 20.37 21.66
CA LEU A 590 -34.36 20.49 23.12
C LEU A 590 -34.64 21.95 23.51
N GLY A 591 -34.22 22.93 22.71
CA GLY A 591 -34.56 24.35 22.91
C GLY A 591 -36.06 24.55 23.01
N ALA A 592 -36.87 23.98 22.11
CA ALA A 592 -38.34 24.14 22.10
C ALA A 592 -38.91 23.55 23.38
N LEU A 593 -38.40 22.40 23.84
CA LEU A 593 -38.95 21.66 25.00
C LEU A 593 -37.81 21.01 25.76
N PRO A 594 -37.13 21.76 26.62
CA PRO A 594 -35.90 21.28 27.23
C PRO A 594 -36.21 20.22 28.27
N PRO A 595 -35.33 19.23 28.51
CA PRO A 595 -35.55 18.36 29.65
C PRO A 595 -34.81 18.86 30.91
N SER A 596 -34.26 20.07 30.87
CA SER A 596 -33.93 20.84 32.10
C SER A 596 -34.60 22.21 31.99
N GLU A 597 -35.39 22.61 32.99
CA GLU A 597 -36.06 23.94 33.00
C GLU A 597 -35.02 25.04 32.69
N GLY A 598 -35.34 25.92 31.73
CA GLY A 598 -34.53 27.10 31.37
C GLY A 598 -33.62 26.87 30.17
N TRP A 599 -33.19 25.62 29.94
CA TRP A 599 -32.06 25.26 29.04
C TRP A 599 -32.41 25.59 27.59
N ALA A 600 -31.66 26.49 26.96
CA ALA A 600 -31.61 26.66 25.50
C ALA A 600 -30.13 26.73 25.07
N GLY A 601 -29.35 25.69 25.40
CA GLY A 601 -27.90 25.61 25.16
C GLY A 601 -27.57 24.79 23.92
N SER A 602 -26.37 24.23 23.91
CA SER A 602 -25.80 23.39 22.83
C SER A 602 -25.65 21.97 23.38
N LEU A 603 -26.17 20.95 22.67
CA LEU A 603 -26.03 19.54 23.10
C LEU A 603 -24.54 19.20 23.12
N ARG A 604 -23.79 19.77 22.20
CA ARG A 604 -22.35 19.51 22.03
C ARG A 604 -21.61 19.94 23.30
N GLU A 605 -21.96 21.10 23.88
CA GLU A 605 -21.32 21.55 25.13
C GLU A 605 -21.68 20.61 26.27
N VAL A 606 -22.90 20.11 26.29
CA VAL A 606 -23.26 19.16 27.38
C VAL A 606 -22.34 17.93 27.27
N MET A 607 -22.19 17.39 26.06
CA MET A 607 -21.49 16.08 25.83
C MET A 607 -19.99 16.27 26.07
N PHE A 608 -19.46 17.45 25.76
CA PHE A 608 -17.99 17.66 25.74
C PHE A 608 -17.50 18.26 27.05
N ALA A 609 -18.40 18.62 27.97
CA ALA A 609 -17.98 19.27 29.23
C ALA A 609 -17.28 18.22 30.11
N ALA A 610 -16.30 18.69 30.89
CA ALA A 610 -15.44 17.88 31.79
C ALA A 610 -16.31 17.18 32.83
N GLU A 611 -15.90 15.98 33.23
CA GLU A 611 -16.55 15.11 34.24
C GLU A 611 -16.82 15.99 35.49
N GLY A 612 -18.04 15.93 36.01
CA GLY A 612 -18.44 16.50 37.31
C GLY A 612 -18.69 18.01 37.26
N THR A 613 -18.70 18.65 36.09
CA THR A 613 -19.21 20.02 35.91
C THR A 613 -20.74 19.96 35.79
N PRO A 614 -21.45 21.10 35.98
CA PRO A 614 -22.91 21.14 35.78
C PRO A 614 -23.37 20.65 34.39
N ASP A 615 -22.85 21.20 33.29
CA ASP A 615 -23.19 20.67 31.93
C ASP A 615 -23.06 19.15 31.96
N SER A 616 -22.02 18.60 32.57
CA SER A 616 -21.76 17.16 32.47
C SER A 616 -22.84 16.38 33.18
N GLU A 617 -23.34 16.89 34.32
CA GLU A 617 -24.44 16.23 35.08
C GLU A 617 -25.72 16.16 34.23
N LEU A 618 -26.02 17.19 33.43
CA LEU A 618 -27.17 17.15 32.47
C LEU A 618 -27.07 15.93 31.53
N LEU A 619 -25.87 15.41 31.27
CA LEU A 619 -25.67 14.37 30.24
C LEU A 619 -26.37 13.09 30.70
N ASP A 620 -26.47 12.86 32.02
CA ASP A 620 -27.13 11.66 32.60
C ASP A 620 -28.65 11.82 32.74
N ARG A 621 -29.25 12.96 32.43
CA ARG A 621 -30.74 13.08 32.36
C ARG A 621 -31.16 12.52 30.99
N THR A 622 -31.99 11.47 31.01
CA THR A 622 -32.39 10.64 29.85
C THR A 622 -32.90 11.55 28.71
N GLY A 623 -33.44 12.74 29.05
CA GLY A 623 -33.83 13.78 28.07
C GLY A 623 -32.67 14.29 27.23
N PHE A 624 -31.43 14.26 27.78
CA PHE A 624 -30.19 14.59 27.03
C PHE A 624 -29.45 13.31 26.62
N THR A 625 -29.37 12.32 27.49
CA THR A 625 -28.63 11.06 27.26
C THR A 625 -29.07 10.45 25.92
N GLN A 626 -30.38 10.32 25.67
CA GLN A 626 -30.89 9.59 24.46
C GLN A 626 -30.47 10.36 23.22
N PRO A 627 -30.67 11.69 23.11
CA PRO A 627 -30.09 12.45 22.01
C PRO A 627 -28.57 12.45 21.88
N ALA A 628 -27.84 12.57 22.99
CA ALA A 628 -26.36 12.49 22.98
C ALA A 628 -25.88 11.17 22.33
N LEU A 629 -26.47 10.02 22.64
CA LEU A 629 -25.99 8.72 22.09
C LEU A 629 -26.32 8.69 20.61
N PHE A 630 -27.50 9.18 20.24
CA PHE A 630 -27.92 9.31 18.82
C PHE A 630 -26.92 10.15 18.02
N ALA A 631 -26.56 11.33 18.48
CA ALA A 631 -25.65 12.21 17.74
C ALA A 631 -24.27 11.52 17.63
N PHE A 632 -23.78 10.95 18.73
CA PHE A 632 -22.43 10.33 18.77
C PHE A 632 -22.41 9.15 17.78
N GLU A 633 -23.46 8.36 17.75
CA GLU A 633 -23.48 7.12 16.95
C GLU A 633 -23.58 7.46 15.47
N VAL A 634 -24.42 8.41 15.11
CA VAL A 634 -24.56 8.85 13.70
C VAL A 634 -23.25 9.49 13.22
N ALA A 635 -22.63 10.37 13.99
CA ALA A 635 -21.40 11.05 13.52
C ALA A 635 -20.32 9.99 13.31
N LEU A 636 -20.27 8.99 14.17
CA LEU A 636 -19.24 7.95 14.10
C LEU A 636 -19.52 7.08 12.87
N PHE A 637 -20.76 6.69 12.67
CA PHE A 637 -21.17 5.92 11.47
C PHE A 637 -20.65 6.62 10.19
N ARG A 638 -20.83 7.94 10.12
CA ARG A 638 -20.50 8.76 8.93
C ARG A 638 -18.97 8.83 8.82
N LEU A 639 -18.26 9.02 9.93
CA LEU A 639 -16.78 8.99 9.87
C LEU A 639 -16.31 7.64 9.32
N LEU A 640 -16.82 6.54 9.84
CA LEU A 640 -16.48 5.19 9.34
C LEU A 640 -16.79 5.07 7.83
N GLU A 641 -17.92 5.60 7.37
CA GLU A 641 -18.31 5.59 5.94
C GLU A 641 -17.17 6.22 5.12
N SER A 642 -16.62 7.35 5.57
CA SER A 642 -15.62 8.11 4.80
C SER A 642 -14.31 7.29 4.75
N TRP A 643 -14.13 6.30 5.62
CA TRP A 643 -12.96 5.38 5.59
C TRP A 643 -13.33 4.06 4.92
N GLY A 644 -14.50 3.98 4.26
CA GLY A 644 -14.88 2.73 3.55
C GLY A 644 -15.34 1.65 4.48
N VAL A 645 -15.65 1.98 5.75
CA VAL A 645 -16.06 0.95 6.76
C VAL A 645 -17.55 1.11 6.94
N ARG A 646 -18.28 0.06 6.63
CA ARG A 646 -19.74 0.10 6.50
C ARG A 646 -20.25 -1.29 6.78
N PRO A 647 -21.48 -1.39 7.31
CA PRO A 647 -21.98 -2.67 7.79
C PRO A 647 -22.72 -3.43 6.71
N ASP A 648 -22.79 -4.73 6.89
CA ASP A 648 -23.74 -5.62 6.17
C ASP A 648 -25.07 -5.70 6.94
N PHE A 649 -25.04 -5.63 8.28
CA PHE A 649 -26.24 -5.68 9.17
C PHE A 649 -26.12 -4.62 10.25
N VAL A 650 -27.27 -4.08 10.70
CA VAL A 650 -27.31 -3.20 11.90
C VAL A 650 -28.35 -3.72 12.91
N ALA A 651 -28.10 -3.35 14.15
CA ALA A 651 -28.93 -3.66 15.33
C ALA A 651 -28.48 -2.69 16.43
N GLY A 652 -29.37 -2.33 17.37
CA GLY A 652 -29.01 -1.44 18.50
C GLY A 652 -29.64 -1.92 19.79
N HIS A 653 -29.06 -1.62 20.93
CA HIS A 653 -29.72 -1.82 22.24
C HIS A 653 -30.52 -0.57 22.62
N SER A 654 -31.83 -0.73 22.63
CA SER A 654 -32.86 0.25 23.06
C SER A 654 -32.69 1.49 22.20
N VAL A 655 -32.15 2.59 22.72
CA VAL A 655 -32.08 3.86 21.92
C VAL A 655 -31.11 3.69 20.72
N GLY A 656 -30.12 2.79 20.83
CA GLY A 656 -29.23 2.50 19.70
C GLY A 656 -30.02 1.93 18.50
N GLU A 657 -31.19 1.31 18.70
CA GLU A 657 -32.02 0.83 17.55
C GLU A 657 -32.54 2.03 16.75
N ILE A 658 -32.64 3.22 17.31
CA ILE A 658 -33.09 4.39 16.52
C ILE A 658 -31.96 4.82 15.58
N ALA A 659 -30.72 4.85 16.04
CA ALA A 659 -29.57 5.17 15.16
C ALA A 659 -29.52 4.13 14.02
N ALA A 660 -29.61 2.86 14.38
CA ALA A 660 -29.58 1.72 13.46
C ALA A 660 -30.63 1.94 12.36
N ALA A 661 -31.83 2.32 12.77
CA ALA A 661 -32.99 2.51 11.86
C ALA A 661 -32.74 3.72 10.98
N HIS A 662 -32.12 4.76 11.55
CA HIS A 662 -31.77 5.99 10.80
C HIS A 662 -30.77 5.63 9.67
N VAL A 663 -29.64 4.97 10.00
CA VAL A 663 -28.53 4.79 9.03
C VAL A 663 -29.00 3.71 8.05
N ALA A 664 -29.95 2.86 8.44
CA ALA A 664 -30.55 1.90 7.51
C ALA A 664 -31.61 2.55 6.60
N GLY A 665 -31.95 3.83 6.79
CA GLY A 665 -32.84 4.58 5.87
C GLY A 665 -34.32 4.53 6.26
N VAL A 666 -34.66 4.00 7.42
CA VAL A 666 -36.09 3.87 7.83
C VAL A 666 -36.64 5.28 8.10
N LEU A 667 -35.82 6.10 8.76
CA LEU A 667 -36.16 7.43 9.25
C LEU A 667 -35.17 8.41 8.68
N SER A 668 -35.63 9.58 8.26
CA SER A 668 -34.79 10.76 8.03
C SER A 668 -34.13 11.20 9.34
N LEU A 669 -33.12 12.04 9.21
CA LEU A 669 -32.44 12.60 10.37
C LEU A 669 -33.47 13.37 11.18
N ALA A 670 -34.31 14.18 10.52
CA ALA A 670 -35.27 15.08 11.19
C ALA A 670 -36.21 14.24 12.07
N ASP A 671 -36.77 13.16 11.49
CA ASP A 671 -37.75 12.24 12.13
C ASP A 671 -37.06 11.47 13.26
N ALA A 672 -35.80 11.03 13.08
CA ALA A 672 -35.09 10.25 14.12
C ALA A 672 -34.78 11.18 15.30
N CYS A 673 -34.35 12.41 15.00
CA CYS A 673 -34.12 13.48 16.00
C CYS A 673 -35.40 13.74 16.80
N ARG A 674 -36.53 13.93 16.12
CA ARG A 674 -37.84 14.16 16.76
C ARG A 674 -38.14 12.94 17.65
N LEU A 675 -38.07 11.73 17.11
CA LEU A 675 -38.31 10.50 17.90
C LEU A 675 -37.41 10.45 19.14
N VAL A 676 -36.10 10.65 19.05
CA VAL A 676 -35.26 10.39 20.26
C VAL A 676 -35.41 11.55 21.28
N ALA A 677 -35.50 12.80 20.84
CA ALA A 677 -35.81 13.99 21.68
C ALA A 677 -37.09 13.78 22.49
N ALA A 678 -38.19 13.36 21.88
CA ALA A 678 -39.47 13.08 22.57
C ALA A 678 -39.33 11.84 23.46
N ARG A 679 -38.62 10.80 23.01
CA ARG A 679 -38.51 9.53 23.77
C ARG A 679 -37.89 9.87 25.13
N GLY A 680 -36.79 10.61 25.07
CA GLY A 680 -36.08 11.10 26.26
C GLY A 680 -36.92 12.04 27.10
N ARG A 681 -37.53 13.06 26.48
CA ARG A 681 -38.27 14.10 27.23
C ARG A 681 -39.49 13.45 27.92
N LEU A 682 -40.22 12.57 27.23
CA LEU A 682 -41.45 11.99 27.81
C LEU A 682 -41.06 11.03 28.91
N MET A 683 -39.92 10.34 28.79
CA MET A 683 -39.46 9.46 29.89
C MET A 683 -38.94 10.28 31.07
N GLN A 684 -38.14 11.32 30.85
CA GLN A 684 -37.66 12.17 31.97
C GLN A 684 -38.81 12.75 32.82
N ALA A 685 -39.99 13.00 32.26
CA ALA A 685 -41.11 13.63 32.98
C ALA A 685 -41.74 12.57 33.89
N LEU A 686 -41.47 11.27 33.72
CA LEU A 686 -42.04 10.26 34.63
C LEU A 686 -41.50 10.50 36.02
N PRO A 687 -42.25 10.13 37.09
CA PRO A 687 -41.80 10.30 38.47
C PRO A 687 -40.68 9.34 38.86
N ALA A 688 -39.98 9.71 39.95
CA ALA A 688 -38.92 8.98 40.70
C ALA A 688 -39.51 7.68 41.18
N GLY A 689 -38.67 6.71 41.52
CA GLY A 689 -39.12 5.42 42.10
C GLY A 689 -38.76 4.20 41.25
N GLY A 690 -38.27 4.40 40.02
CA GLY A 690 -37.95 3.31 39.08
C GLY A 690 -36.56 2.73 39.28
N ALA A 691 -36.38 1.43 39.13
CA ALA A 691 -35.04 0.80 39.21
C ALA A 691 -34.89 -0.38 38.24
N MET A 692 -33.65 -0.69 37.92
CA MET A 692 -33.22 -1.75 37.00
C MET A 692 -32.05 -2.47 37.69
N VAL A 693 -32.04 -3.79 37.63
CA VAL A 693 -30.93 -4.61 38.19
C VAL A 693 -30.63 -5.64 37.11
N ALA A 694 -29.36 -5.73 36.74
CA ALA A 694 -28.80 -6.84 35.94
C ALA A 694 -28.67 -8.06 36.85
N VAL A 695 -29.17 -9.20 36.37
CA VAL A 695 -29.12 -10.46 37.16
C VAL A 695 -28.42 -11.52 36.36
N GLU A 696 -27.51 -12.23 37.00
CA GLU A 696 -26.93 -13.46 36.42
C GLU A 696 -27.98 -14.57 36.55
N ALA A 697 -28.81 -14.79 35.52
CA ALA A 697 -29.88 -15.80 35.48
C ALA A 697 -30.49 -15.84 34.09
N SER A 698 -31.05 -16.98 33.67
CA SER A 698 -31.65 -17.19 32.33
C SER A 698 -32.97 -16.40 32.29
N GLU A 699 -33.44 -16.01 31.10
CA GLU A 699 -34.84 -15.53 30.90
C GLU A 699 -35.83 -16.48 31.61
N GLU A 700 -35.72 -17.80 31.40
CA GLU A 700 -36.70 -18.82 31.88
C GLU A 700 -36.77 -18.74 33.45
N GLU A 701 -35.62 -18.69 34.15
CA GLU A 701 -35.59 -18.52 35.64
C GLU A 701 -36.25 -17.22 36.03
N VAL A 702 -35.95 -16.11 35.39
CA VAL A 702 -36.48 -14.82 35.91
C VAL A 702 -37.98 -14.78 35.65
N ALA A 703 -38.41 -15.20 34.48
CA ALA A 703 -39.86 -15.19 34.16
C ALA A 703 -40.58 -16.22 35.07
N ALA A 704 -40.02 -17.42 35.36
CA ALA A 704 -40.67 -18.39 36.29
C ALA A 704 -40.85 -17.75 37.69
N HIS A 705 -39.80 -17.08 38.19
CA HIS A 705 -39.82 -16.35 39.50
C HIS A 705 -40.84 -15.20 39.52
N LEU A 706 -40.92 -14.36 38.48
CA LEU A 706 -41.91 -13.23 38.44
C LEU A 706 -43.37 -13.74 38.31
N ALA A 707 -43.61 -14.81 37.51
CA ALA A 707 -44.94 -15.45 37.28
C ALA A 707 -45.55 -15.90 38.61
N GLY A 708 -44.74 -16.44 39.53
CA GLY A 708 -45.17 -16.86 40.89
C GLY A 708 -45.50 -15.70 41.83
N GLU A 709 -45.30 -14.43 41.46
CA GLU A 709 -45.73 -13.24 42.27
C GLU A 709 -46.82 -12.51 41.48
N GLU A 713 -45.90 -4.67 38.39
CA GLU A 713 -44.99 -3.71 39.10
C GLU A 713 -43.56 -3.74 38.49
N VAL A 714 -43.19 -4.91 37.94
CA VAL A 714 -41.79 -5.35 37.63
C VAL A 714 -41.83 -6.26 36.39
N GLY A 715 -40.78 -6.22 35.57
CA GLY A 715 -40.64 -7.20 34.47
C GLY A 715 -39.23 -7.25 33.92
N ILE A 716 -39.06 -8.00 32.84
CA ILE A 716 -37.77 -8.20 32.16
C ILE A 716 -37.59 -7.05 31.17
N ALA A 717 -36.61 -6.16 31.41
CA ALA A 717 -36.24 -5.04 30.50
C ALA A 717 -35.35 -5.53 29.35
N ALA A 718 -34.54 -6.58 29.57
CA ALA A 718 -33.52 -7.03 28.59
C ALA A 718 -33.16 -8.48 28.85
N VAL A 719 -33.00 -9.21 27.74
CA VAL A 719 -32.33 -10.54 27.70
C VAL A 719 -31.04 -10.37 26.88
N ASN A 720 -29.95 -10.28 27.63
CA ASN A 720 -28.62 -9.83 27.20
C ASN A 720 -27.72 -11.05 26.94
N GLY A 721 -28.09 -12.24 27.42
CA GLY A 721 -27.34 -13.51 27.24
C GLY A 721 -28.12 -14.70 27.78
N PRO A 722 -27.66 -15.95 27.60
CA PRO A 722 -28.38 -17.12 28.13
C PRO A 722 -28.50 -17.10 29.67
N ARG A 723 -27.63 -16.36 30.37
CA ARG A 723 -27.62 -16.12 31.85
C ARG A 723 -27.37 -14.64 32.20
N SER A 724 -28.02 -13.71 31.51
CA SER A 724 -27.88 -12.26 31.83
C SER A 724 -29.19 -11.51 31.46
N VAL A 725 -29.97 -11.10 32.45
CA VAL A 725 -31.30 -10.50 32.23
C VAL A 725 -31.25 -9.20 33.04
N VAL A 726 -31.98 -8.17 32.61
CA VAL A 726 -32.23 -6.96 33.45
C VAL A 726 -33.71 -6.95 33.80
N VAL A 727 -34.02 -6.75 35.08
CA VAL A 727 -35.41 -6.64 35.59
C VAL A 727 -35.60 -5.16 35.91
N SER A 728 -36.81 -4.69 35.68
CA SER A 728 -37.11 -3.24 35.69
C SER A 728 -38.52 -3.02 36.28
N GLY A 729 -38.68 -1.96 37.07
CA GLY A 729 -39.97 -1.48 37.61
C GLY A 729 -39.81 -0.75 38.95
N ALA A 730 -40.89 -0.74 39.75
CA ALA A 730 -40.92 -0.10 41.08
C ALA A 730 -39.73 -0.63 41.88
N GLU A 731 -38.92 0.29 42.40
CA GLU A 731 -37.64 0.03 43.10
C GLU A 731 -37.73 -1.13 44.11
N ASP A 732 -38.78 -1.13 44.89
CA ASP A 732 -39.00 -2.09 45.99
C ASP A 732 -39.19 -3.51 45.42
N ALA A 733 -40.07 -3.69 44.41
CA ALA A 733 -40.32 -5.00 43.75
C ALA A 733 -39.05 -5.51 43.02
N VAL A 734 -38.28 -4.61 42.41
CA VAL A 734 -36.99 -4.93 41.76
C VAL A 734 -36.03 -5.45 42.83
N GLU A 735 -35.90 -4.73 43.95
CA GLU A 735 -35.03 -5.10 45.08
C GLU A 735 -35.44 -6.47 45.66
N GLU A 736 -36.73 -6.83 45.63
CA GLU A 736 -37.22 -8.17 46.08
C GLU A 736 -36.68 -9.29 45.20
N VAL A 737 -36.73 -9.10 43.89
CA VAL A 737 -36.19 -10.03 42.86
C VAL A 737 -34.66 -10.07 42.95
N ALA A 738 -33.98 -8.92 43.08
CA ALA A 738 -32.50 -8.82 43.25
C ALA A 738 -32.03 -9.74 44.40
N GLU A 739 -32.60 -9.57 45.60
CA GLU A 739 -32.11 -10.30 46.79
C GLU A 739 -32.46 -11.79 46.63
N HIS A 740 -33.52 -12.14 45.86
CA HIS A 740 -33.75 -13.55 45.46
C HIS A 740 -32.51 -14.12 44.78
N PHE A 741 -32.04 -13.47 43.70
CA PHE A 741 -30.93 -14.00 42.86
C PHE A 741 -29.60 -13.95 43.64
N ALA A 742 -29.36 -12.84 44.34
CA ALA A 742 -28.18 -12.61 45.20
C ALA A 742 -28.16 -13.74 46.23
N GLY A 743 -29.33 -14.00 46.83
CA GLY A 743 -29.52 -15.04 47.85
C GLY A 743 -29.12 -16.39 47.32
N LEU A 744 -29.41 -16.67 46.04
CA LEU A 744 -28.94 -17.94 45.37
C LEU A 744 -27.43 -17.87 45.08
N GLY A 745 -26.75 -16.78 45.42
CA GLY A 745 -25.32 -16.59 45.10
C GLY A 745 -25.09 -16.15 43.66
N ARG A 746 -26.05 -15.52 42.98
CA ARG A 746 -25.85 -15.00 41.60
C ARG A 746 -25.29 -13.58 41.69
N ARG A 747 -24.54 -13.13 40.67
CA ARG A 747 -24.14 -11.70 40.55
C ARG A 747 -25.39 -10.90 40.19
N THR A 748 -25.51 -9.73 40.79
CA THR A 748 -26.57 -8.72 40.53
C THR A 748 -25.89 -7.35 40.57
N ARG A 749 -26.33 -6.42 39.73
CA ARG A 749 -25.82 -5.04 39.71
C ARG A 749 -26.99 -4.05 39.50
N ARG A 750 -27.19 -3.16 40.46
CA ARG A 750 -28.09 -1.98 40.33
C ARG A 750 -27.50 -1.11 39.22
N LEU A 751 -28.25 -0.90 38.14
CA LEU A 751 -27.86 0.04 37.05
C LEU A 751 -28.01 1.48 37.56
N ARG A 752 -27.16 2.42 37.13
CA ARG A 752 -27.35 3.87 37.48
C ARG A 752 -28.32 4.48 36.45
N VAL A 753 -29.62 4.51 36.79
CA VAL A 753 -30.77 4.90 35.91
C VAL A 753 -31.71 5.81 36.72
N SER A 754 -32.24 6.83 36.07
CA SER A 754 -33.30 7.73 36.61
C SER A 754 -34.62 6.98 36.54
N HIS A 755 -34.79 5.98 35.68
CA HIS A 755 -36.14 5.40 35.46
C HIS A 755 -36.04 3.91 35.21
N ALA A 756 -37.19 3.24 35.27
CA ALA A 756 -37.29 1.78 35.03
C ALA A 756 -37.64 1.58 33.54
N PHE A 757 -36.62 1.64 32.68
CA PHE A 757 -36.80 1.53 31.20
C PHE A 757 -37.40 0.15 30.88
N HIS A 758 -38.19 0.04 29.83
CA HIS A 758 -38.79 -1.24 29.33
C HIS A 758 -39.50 -1.96 30.48
N SER A 759 -40.39 -1.26 31.17
CA SER A 759 -41.17 -1.80 32.32
C SER A 759 -42.58 -1.19 32.33
N PRO A 760 -43.44 -1.72 33.21
CA PRO A 760 -44.74 -1.11 33.44
C PRO A 760 -44.65 0.38 33.75
N LEU A 761 -43.57 0.87 34.38
CA LEU A 761 -43.49 2.32 34.71
C LEU A 761 -43.39 3.19 33.46
N MET A 762 -43.20 2.62 32.26
CA MET A 762 -43.22 3.37 30.98
C MET A 762 -44.66 3.60 30.51
N ASP A 763 -45.58 2.78 31.04
CA ASP A 763 -47.01 2.75 30.67
C ASP A 763 -47.59 4.17 30.56
N PRO A 764 -47.35 5.09 31.50
CA PRO A 764 -47.94 6.44 31.37
C PRO A 764 -47.50 7.25 30.16
N MET A 765 -46.30 7.04 29.57
CA MET A 765 -45.91 7.91 28.42
C MET A 765 -46.22 7.24 27.06
N LEU A 766 -46.83 6.07 27.03
CA LEU A 766 -46.99 5.35 25.74
C LEU A 766 -47.92 6.12 24.80
N GLU A 767 -49.03 6.69 25.29
CA GLU A 767 -50.04 7.34 24.39
C GLU A 767 -49.45 8.61 23.78
N ASP A 768 -48.75 9.38 24.59
CA ASP A 768 -48.04 10.61 24.14
C ASP A 768 -46.98 10.22 23.09
N PHE A 769 -46.13 9.26 23.42
CA PHE A 769 -45.05 8.81 22.51
C PHE A 769 -45.68 8.32 21.19
N GLY A 770 -46.74 7.51 21.30
CA GLY A 770 -47.55 6.99 20.16
C GLY A 770 -48.04 8.13 19.28
N ARG A 771 -48.37 9.28 19.86
CA ARG A 771 -48.81 10.43 19.03
C ARG A 771 -47.63 11.04 18.27
N VAL A 772 -46.46 11.10 18.89
CA VAL A 772 -45.21 11.59 18.24
C VAL A 772 -44.87 10.68 17.06
N VAL A 773 -44.77 9.36 17.29
CA VAL A 773 -44.32 8.44 16.22
C VAL A 773 -45.36 8.43 15.09
N ARG A 774 -46.64 8.73 15.38
CA ARG A 774 -47.64 8.74 14.27
C ARG A 774 -47.43 9.97 13.36
N GLY A 775 -46.68 11.00 13.79
CA GLY A 775 -46.34 12.15 12.91
C GLY A 775 -45.16 11.88 11.97
N LEU A 776 -44.46 10.74 12.08
CA LEU A 776 -43.20 10.49 11.35
C LEU A 776 -43.48 9.67 10.09
N THR A 777 -42.50 9.57 9.23
CA THR A 777 -42.49 8.75 7.98
C THR A 777 -41.51 7.60 8.21
N PHE A 778 -41.91 6.40 7.84
CA PHE A 778 -41.07 5.19 7.89
C PHE A 778 -40.93 4.69 6.47
N ASP A 779 -39.69 4.58 5.96
CA ASP A 779 -39.37 3.85 4.70
C ASP A 779 -38.74 2.48 5.04
N ALA A 780 -38.91 1.52 4.13
CA ALA A 780 -38.30 0.17 4.16
C ALA A 780 -36.78 0.32 4.24
N PRO A 781 -36.12 -0.42 5.14
CA PRO A 781 -34.66 -0.39 5.23
C PRO A 781 -33.93 -0.74 3.91
N ARG A 782 -32.87 0.00 3.61
CA ARG A 782 -31.86 -0.23 2.56
C ARG A 782 -30.75 -1.20 3.04
N LEU A 783 -30.45 -1.27 4.34
CA LEU A 783 -29.56 -2.28 5.00
C LEU A 783 -30.43 -3.26 5.80
N PRO A 784 -30.09 -4.55 5.93
CA PRO A 784 -30.81 -5.41 6.88
C PRO A 784 -30.68 -4.91 8.35
N VAL A 785 -31.80 -4.86 9.05
CA VAL A 785 -31.91 -4.45 10.49
C VAL A 785 -32.46 -5.64 11.27
N VAL A 786 -31.79 -6.00 12.34
CA VAL A 786 -32.32 -6.95 13.34
C VAL A 786 -33.05 -6.15 14.41
N SER A 787 -34.29 -6.56 14.70
CA SER A 787 -35.16 -6.02 15.78
C SER A 787 -34.86 -6.76 17.08
N ASN A 788 -34.63 -6.00 18.14
CA ASN A 788 -34.36 -6.52 19.50
C ASN A 788 -35.72 -6.59 20.23
N LEU A 789 -36.77 -6.15 19.57
CA LEU A 789 -38.15 -6.53 19.96
C LEU A 789 -38.43 -7.99 19.58
N THR A 790 -38.30 -8.38 18.33
CA THR A 790 -38.61 -9.77 17.91
C THR A 790 -37.41 -10.67 18.17
N GLY A 791 -36.20 -10.11 18.32
CA GLY A 791 -34.94 -10.88 18.46
C GLY A 791 -34.53 -11.52 17.14
N ALA A 792 -34.95 -10.95 16.02
CA ALA A 792 -34.81 -11.54 14.68
C ALA A 792 -34.73 -10.40 13.63
N LEU A 793 -34.44 -10.76 12.39
CA LEU A 793 -34.45 -9.84 11.22
C LEU A 793 -35.78 -9.12 11.18
N ALA A 794 -35.81 -7.82 10.92
CA ALA A 794 -37.09 -7.07 10.81
C ALA A 794 -37.62 -7.18 9.39
N SER A 795 -38.92 -7.47 9.23
CA SER A 795 -39.60 -7.22 7.94
C SER A 795 -39.53 -5.71 7.72
N ALA A 796 -39.47 -5.28 6.46
CA ALA A 796 -39.75 -3.90 6.01
C ALA A 796 -40.91 -3.35 6.84
N ASP A 797 -42.00 -4.11 6.94
CA ASP A 797 -43.26 -3.63 7.55
C ASP A 797 -43.13 -3.51 9.07
N GLU A 798 -42.27 -4.32 9.69
CA GLU A 798 -42.04 -4.28 11.16
C GLU A 798 -41.75 -2.84 11.58
N LEU A 799 -40.61 -2.31 11.13
CA LEU A 799 -40.07 -1.00 11.61
C LEU A 799 -40.88 0.17 11.05
N CYS A 800 -41.86 -0.08 10.20
CA CYS A 800 -42.54 1.00 9.46
C CYS A 800 -43.91 1.30 10.06
N THR A 801 -44.23 0.78 11.25
CA THR A 801 -45.50 1.14 11.95
C THR A 801 -45.17 1.93 13.21
N PRO A 802 -45.89 3.04 13.47
CA PRO A 802 -45.75 3.77 14.72
C PRO A 802 -45.78 2.82 15.92
N GLU A 803 -46.71 1.87 15.87
CA GLU A 803 -46.91 0.93 16.99
C GLU A 803 -45.58 0.19 17.32
N TYR A 804 -44.75 -0.22 16.32
CA TYR A 804 -43.49 -0.96 16.59
C TYR A 804 -42.68 -0.18 17.64
N TRP A 805 -42.60 1.15 17.49
CA TRP A 805 -41.68 2.00 18.28
C TRP A 805 -42.23 2.32 19.68
N VAL A 806 -43.54 2.24 19.84
CA VAL A 806 -44.22 2.27 21.16
C VAL A 806 -43.93 0.94 21.86
N ARG A 807 -44.14 -0.19 21.17
CA ARG A 807 -43.85 -1.51 21.80
C ARG A 807 -42.38 -1.54 22.25
N HIS A 808 -41.50 -0.91 21.47
CA HIS A 808 -40.02 -0.99 21.63
C HIS A 808 -39.57 -0.33 22.95
N VAL A 809 -40.15 0.82 23.29
CA VAL A 809 -40.07 1.55 24.60
C VAL A 809 -40.42 0.63 25.78
N ARG A 810 -41.45 -0.20 25.58
CA ARG A 810 -42.19 -0.87 26.68
C ARG A 810 -41.67 -2.29 26.90
N GLU A 811 -41.41 -3.06 25.86
CA GLU A 811 -41.17 -4.51 26.04
C GLU A 811 -39.65 -4.75 26.11
N ALA A 812 -39.30 -5.97 26.37
CA ALA A 812 -37.90 -6.35 26.61
C ALA A 812 -37.13 -6.29 25.27
N VAL A 813 -35.88 -5.83 25.41
CA VAL A 813 -34.75 -5.85 24.43
C VAL A 813 -34.16 -7.27 24.39
N ARG A 814 -34.43 -7.98 23.29
CA ARG A 814 -34.01 -9.37 23.06
C ARG A 814 -32.65 -9.31 22.33
N PHE A 815 -31.66 -8.77 23.03
CA PHE A 815 -30.33 -8.48 22.48
C PHE A 815 -29.60 -9.79 22.15
N ALA A 816 -29.64 -10.80 23.02
CA ALA A 816 -28.92 -12.09 22.80
C ALA A 816 -29.47 -12.81 21.55
N ASP A 817 -30.79 -12.84 21.38
CA ASP A 817 -31.46 -13.52 20.24
C ASP A 817 -31.08 -12.77 18.96
N GLY A 818 -30.96 -11.43 19.05
CA GLY A 818 -30.52 -10.57 17.94
C GLY A 818 -29.13 -11.00 17.49
N VAL A 819 -28.20 -11.07 18.44
CA VAL A 819 -26.79 -11.49 18.18
C VAL A 819 -26.76 -12.88 17.54
N GLY A 820 -27.61 -13.80 18.04
CA GLY A 820 -27.79 -15.14 17.49
C GLY A 820 -28.27 -15.04 16.06
N TRP A 821 -29.31 -14.26 15.79
CA TRP A 821 -29.89 -14.11 14.44
C TRP A 821 -28.84 -13.59 13.45
N LEU A 822 -28.00 -12.61 13.86
CA LEU A 822 -26.95 -12.03 13.00
C LEU A 822 -25.84 -13.07 12.69
N ALA A 823 -25.34 -13.83 13.68
CA ALA A 823 -24.45 -15.00 13.50
C ALA A 823 -25.00 -15.87 12.36
N GLY A 824 -26.16 -16.49 12.56
CA GLY A 824 -26.90 -17.26 11.54
C GLY A 824 -27.03 -16.58 10.18
N LEU A 825 -26.96 -15.26 10.07
CA LEU A 825 -26.96 -14.58 8.73
C LEU A 825 -25.51 -14.36 8.24
N GLY A 826 -24.52 -14.91 8.93
CA GLY A 826 -23.10 -14.96 8.52
C GLY A 826 -22.24 -13.82 9.07
N VAL A 827 -22.73 -12.98 9.99
CA VAL A 827 -21.85 -11.94 10.63
C VAL A 827 -20.70 -12.69 11.30
N SER A 828 -19.46 -12.36 10.95
CA SER A 828 -18.21 -12.93 11.50
C SER A 828 -17.62 -11.92 12.50
N THR A 829 -17.81 -10.62 12.23
CA THR A 829 -17.38 -9.55 13.14
C THR A 829 -18.52 -8.59 13.53
N PHE A 830 -18.67 -8.46 14.86
CA PHE A 830 -19.58 -7.51 15.56
C PHE A 830 -18.77 -6.27 15.95
N VAL A 831 -19.11 -5.09 15.48
CA VAL A 831 -18.43 -3.87 15.98
C VAL A 831 -19.48 -3.05 16.76
N GLU A 832 -19.19 -2.72 18.02
CA GLU A 832 -19.99 -1.77 18.82
C GLU A 832 -19.72 -0.29 18.41
N ILE A 833 -20.79 0.41 18.06
CA ILE A 833 -20.82 1.84 17.69
C ILE A 833 -21.40 2.56 18.90
N GLY A 834 -20.54 3.16 19.71
CA GLY A 834 -20.91 4.05 20.80
C GLY A 834 -19.70 4.27 21.69
N PRO A 835 -19.84 5.08 22.76
CA PRO A 835 -18.70 5.50 23.58
C PRO A 835 -18.08 4.52 24.59
N GLY A 836 -18.25 3.22 24.46
CA GLY A 836 -17.21 2.34 25.04
C GLY A 836 -17.39 0.93 24.53
N GLY A 837 -17.52 -0.03 25.46
CA GLY A 837 -17.59 -1.49 25.23
C GLY A 837 -18.62 -2.27 26.07
N VAL A 838 -19.83 -1.75 26.31
CA VAL A 838 -20.88 -2.54 27.05
C VAL A 838 -21.42 -3.64 26.11
N LEU A 839 -21.87 -3.26 24.93
CA LEU A 839 -22.55 -4.17 23.97
C LEU A 839 -21.58 -5.26 23.47
N SER A 840 -20.26 -4.99 23.50
CA SER A 840 -19.22 -5.98 23.06
C SER A 840 -18.85 -6.96 24.20
N ALA A 841 -18.74 -6.55 25.47
CA ALA A 841 -18.67 -7.55 26.58
C ALA A 841 -19.85 -8.53 26.37
N LEU A 842 -21.09 -8.00 26.34
CA LEU A 842 -22.36 -8.76 26.11
C LEU A 842 -22.29 -9.78 24.96
N THR A 843 -21.61 -9.43 23.86
CA THR A 843 -21.66 -10.19 22.58
C THR A 843 -20.75 -11.41 22.67
N GLN A 844 -19.54 -11.28 23.25
CA GLN A 844 -18.61 -12.42 23.49
C GLN A 844 -19.22 -13.36 24.51
N GLU A 845 -19.62 -12.80 25.65
CA GLU A 845 -20.56 -13.37 26.66
C GLU A 845 -21.69 -14.17 25.94
N CYS A 846 -22.34 -13.67 24.88
CA CYS A 846 -22.98 -14.60 23.88
C CYS A 846 -21.87 -15.12 22.94
N GLY A 855 -15.65 -12.72 15.98
CA GLY A 855 -14.95 -11.41 16.15
C GLY A 855 -15.82 -10.36 16.86
N VAL A 856 -15.28 -9.67 17.86
CA VAL A 856 -15.97 -8.53 18.53
C VAL A 856 -15.01 -7.35 18.58
N VAL A 857 -15.27 -6.26 17.90
CA VAL A 857 -14.43 -5.07 18.18
C VAL A 857 -15.36 -3.95 18.61
N ALA A 858 -14.92 -3.23 19.61
CA ALA A 858 -15.54 -2.00 20.11
C ALA A 858 -14.92 -0.85 19.30
N ALA A 859 -15.73 -0.09 18.59
CA ALA A 859 -15.19 1.00 17.74
C ALA A 859 -14.52 2.00 18.68
N VAL A 860 -15.11 2.35 19.84
CA VAL A 860 -14.43 3.37 20.70
C VAL A 860 -14.44 2.96 22.16
N ARG A 861 -13.46 2.13 22.56
CA ARG A 861 -12.99 1.99 23.97
C ARG A 861 -12.08 3.20 24.29
N ARG A 864 -8.84 5.10 29.34
CA ARG A 864 -7.38 4.77 29.32
C ARG A 864 -6.72 5.36 28.08
N ARG A 865 -7.46 5.57 26.99
CA ARG A 865 -6.88 6.15 25.76
C ARG A 865 -7.90 7.02 25.05
N ALA A 866 -7.34 8.00 24.38
CA ALA A 866 -8.02 8.97 23.51
C ALA A 866 -8.88 8.23 22.48
N GLU A 867 -10.01 8.82 22.12
CA GLU A 867 -11.01 8.26 21.18
C GLU A 867 -10.35 7.96 19.81
N PRO A 868 -9.56 8.89 19.19
CA PRO A 868 -8.91 8.60 17.90
C PRO A 868 -7.99 7.36 17.94
N VAL A 869 -7.27 7.17 19.01
CA VAL A 869 -6.41 5.96 19.21
C VAL A 869 -7.29 4.74 19.38
N ALA A 870 -8.33 4.79 20.19
CA ALA A 870 -9.15 3.57 20.34
C ALA A 870 -9.78 3.26 18.98
N LEU A 871 -10.14 4.28 18.20
CA LEU A 871 -10.89 4.06 16.93
C LEU A 871 -9.94 3.43 15.87
N LEU A 872 -8.77 4.02 15.68
CA LEU A 872 -7.74 3.54 14.72
C LEU A 872 -7.33 2.11 15.09
N SER A 873 -7.27 1.78 16.38
CA SER A 873 -6.88 0.41 16.80
C SER A 873 -7.96 -0.61 16.36
N ALA A 874 -9.22 -0.21 16.46
CA ALA A 874 -10.37 -1.07 16.10
C ALA A 874 -10.38 -1.18 14.57
N VAL A 875 -10.16 -0.08 13.88
CA VAL A 875 -10.22 -0.11 12.40
C VAL A 875 -8.99 -0.88 11.91
N GLY A 876 -7.89 -0.75 12.62
CA GLY A 876 -6.67 -1.55 12.40
C GLY A 876 -6.99 -3.03 12.41
N GLU A 877 -7.84 -3.47 13.35
CA GLU A 877 -8.18 -4.90 13.52
C GLU A 877 -9.12 -5.38 12.42
N LEU A 878 -10.04 -4.52 11.96
CA LEU A 878 -10.91 -4.89 10.83
C LEU A 878 -10.02 -5.08 9.57
N PHE A 879 -9.12 -4.14 9.28
CA PHE A 879 -8.09 -4.24 8.19
C PHE A 879 -7.28 -5.53 8.39
N ALA A 880 -6.64 -5.80 9.52
CA ALA A 880 -5.84 -7.05 9.67
C ALA A 880 -6.68 -8.31 9.40
N ASP A 881 -8.00 -8.24 9.49
CA ASP A 881 -8.85 -9.45 9.29
C ASP A 881 -9.32 -9.50 7.85
N GLY A 882 -9.00 -8.50 7.06
CA GLY A 882 -9.20 -8.50 5.60
C GLY A 882 -10.24 -7.51 5.14
N TYR A 883 -10.66 -6.62 6.03
CA TYR A 883 -11.59 -5.54 5.62
C TYR A 883 -10.83 -4.53 4.75
N PRO A 884 -11.41 -4.11 3.61
CA PRO A 884 -10.85 -3.06 2.73
C PRO A 884 -11.01 -1.62 3.21
N VAL A 885 -10.32 -1.30 4.28
CA VAL A 885 -10.29 0.08 4.83
C VAL A 885 -9.64 1.01 3.82
N ASP A 886 -10.24 2.15 3.55
CA ASP A 886 -9.71 3.14 2.59
C ASP A 886 -8.73 4.04 3.35
N TRP A 887 -7.49 3.58 3.60
CA TRP A 887 -6.49 4.35 4.38
C TRP A 887 -6.15 5.68 3.70
N THR A 888 -6.30 5.72 2.40
CA THR A 888 -6.00 6.93 1.59
C THR A 888 -6.90 8.07 2.08
N ALA A 889 -8.18 7.82 2.25
CA ALA A 889 -9.15 8.84 2.71
C ALA A 889 -8.86 9.28 4.16
N TYR A 890 -8.22 8.46 4.97
CA TYR A 890 -7.75 8.94 6.29
C TYR A 890 -6.89 10.20 6.14
N PHE A 891 -6.14 10.30 5.04
CA PHE A 891 -5.17 11.38 4.81
C PHE A 891 -5.83 12.53 4.03
N ALA A 892 -7.15 12.51 3.77
CA ALA A 892 -7.82 13.56 2.94
C ALA A 892 -7.38 14.95 3.44
N GLY A 893 -7.14 15.87 2.51
CA GLY A 893 -6.71 17.24 2.84
C GLY A 893 -5.31 17.29 3.44
N TRP A 894 -4.33 16.60 2.85
CA TRP A 894 -2.89 16.80 3.14
C TRP A 894 -2.15 16.96 1.82
N PRO A 895 -1.32 18.01 1.63
CA PRO A 895 -0.48 18.08 0.42
C PRO A 895 0.50 16.89 0.41
N ALA A 896 0.01 15.73 -0.03
CA ALA A 896 0.75 14.44 -0.02
C ALA A 896 1.84 14.48 -1.07
N ALA A 897 3.06 14.20 -0.64
CA ALA A 897 4.22 13.97 -1.51
C ALA A 897 4.46 12.46 -1.50
N ARG A 898 4.53 11.83 -2.67
CA ARG A 898 4.86 10.38 -2.72
C ARG A 898 6.30 10.29 -2.23
N VAL A 899 6.63 9.22 -1.54
CA VAL A 899 7.95 8.93 -0.96
C VAL A 899 8.37 7.52 -1.37
N GLU A 900 9.65 7.34 -1.56
CA GLU A 900 10.26 6.11 -2.09
C GLU A 900 10.54 5.18 -0.93
N LEU A 901 9.70 4.18 -0.84
CA LEU A 901 9.72 3.22 0.28
C LEU A 901 10.53 2.00 -0.12
N PRO A 902 10.97 1.14 0.79
CA PRO A 902 11.60 -0.10 0.36
C PRO A 902 10.55 -0.98 -0.39
N THR A 903 11.07 -1.86 -1.22
CA THR A 903 10.27 -2.80 -2.03
C THR A 903 10.08 -4.08 -1.22
N TYR A 904 9.24 -4.97 -1.74
CA TYR A 904 8.76 -6.18 -1.05
C TYR A 904 9.90 -7.05 -0.54
N ALA A 905 9.85 -7.48 0.72
CA ALA A 905 10.85 -8.38 1.37
C ALA A 905 10.66 -9.82 0.90
N PHE A 906 11.21 -10.17 -0.25
CA PHE A 906 11.02 -11.54 -0.78
C PHE A 906 11.61 -12.53 0.20
N GLN A 907 10.96 -13.66 0.31
CA GLN A 907 11.42 -14.77 1.17
C GLN A 907 11.80 -15.89 0.20
N ARG A 908 13.10 -15.99 -0.06
CA ARG A 908 13.65 -16.78 -1.18
C ARG A 908 14.07 -18.15 -0.70
N SER A 909 13.71 -19.20 -1.45
CA SER A 909 14.19 -20.59 -1.27
C SER A 909 14.92 -21.02 -2.53
N ARG A 910 15.69 -22.09 -2.41
CA ARG A 910 16.43 -22.71 -3.49
C ARG A 910 15.46 -23.48 -4.35
N HIS A 911 15.58 -23.28 -5.66
CA HIS A 911 14.75 -23.98 -6.67
C HIS A 911 15.69 -24.28 -7.83
N TRP A 912 15.94 -25.55 -8.07
CA TRP A 912 16.99 -25.94 -9.01
C TRP A 912 16.69 -27.30 -9.58
N LEU A 913 17.23 -27.56 -10.74
CA LEU A 913 17.19 -28.89 -11.38
C LEU A 913 17.87 -29.93 -10.47
N GLU A 914 17.40 -31.18 -10.49
CA GLU A 914 17.95 -32.31 -9.68
C GLU A 914 19.33 -32.74 -10.20
N ASN A 915 19.58 -32.73 -11.52
CA ASN A 915 20.94 -32.96 -12.11
C ASN A 915 21.17 -32.04 -13.30
NA NA B . 30.34 -4.79 -36.91
#